data_9G4F
#
_entry.id   9G4F
#
_cell.length_a   1.00
_cell.length_b   1.00
_cell.length_c   1.00
_cell.angle_alpha   90.00
_cell.angle_beta   90.00
_cell.angle_gamma   90.00
#
_symmetry.space_group_name_H-M   'P 1'
#
loop_
_entity.id
_entity.type
_entity.pdbx_description
1 polymer 'Peptide antibiotic transporter SbmA'
2 polymer '11-1 FabH'
3 polymer '11-1 FabL'
#
loop_
_entity_poly.entity_id
_entity_poly.type
_entity_poly.pdbx_seq_one_letter_code
_entity_poly.pdbx_strand_id
1 'polypeptide(L)'
;MFKSFFPKPGTFFLSAFVWALIAVIFWQAGGGDWVARITGASGQIPISAARFWSLDFLIFYAYYIVCVGLFALFWFIYSP
HRWQYWSILGTALIIFVTWFLVEVGVAVNAWYAPFYDLIQTALSSPHKVTIEQFYREVGVFLGIALIAVVISVLNNFFVS
HYVFRWRTAMNEYYMANWQQLRHIEGAAQRVQEDTMRFASTLENMGVSFINAIMTLIAFLPVLVTLSAHVPELPIIGHIP
YGLVIAAIVWSLMGTGLLAVVGIKLPGLEFKNQRVEAAYRKELVYGEDDATRATPPTVRELFSAVRKNYFRLYFHYMYFN
IARILYLQVDNVFGLFLLFPSIVAGTITLGLMTQITNVFGQVRGAFQYLINSWTTLVELMSIYKRLRSFEHELDGDKIQE
VTHTLS
;
A,B
2 'polypeptide(L)'
;LKLLDSGAELVKPGASVKLSCTASGFNIKDTYMYWVKQRPDQGLEWIGRIDPANGNSKYDPKFQGKATITADTSSNTAYL
QVSSLTSEDTAVYYCARWLVRGRRGTMDYWGQGTSVTVSSAKTTAPSVYPLAPVCGDTTGSSVTLGCLVKGYFPEPVTLT
WNSGSLSSGVHTFPAVLQSDLYTLSSSVTVTSSTWPSQSITCNVAHPASSTKVDKKIEPRGPTIKPCPPCKCP
;
C
3 'polypeptide(L)'
;DIVMTQSPAILSASPGEKVTMTCRASSSVSYMHWYQQKPGSSPKPWIYATSNLASGVPARFSGSGSGTSYSLTISRVEAE
DAATYYCQQWSSNPRTFGGGTKLEIKRADAAPTVSIFPPSSEQLTSGGASVVCFLNNFYPKDINVKWKIDGSERQNGVLN
SWTDQDSKDSTYSMSSTLTLTKDEYERHNSYTCEATHKTSTSPIVKSFNRNEC
;
D
#
# COMPACT_ATOMS: atom_id res chain seq x y z
N MET A 1 42.31 -3.38 -25.16
CA MET A 1 43.66 -3.46 -24.63
C MET A 1 44.70 -3.47 -25.71
N PHE A 2 44.49 -2.70 -26.77
CA PHE A 2 45.44 -2.67 -27.86
C PHE A 2 46.46 -1.56 -27.62
N LYS A 3 47.33 -1.35 -28.60
CA LYS A 3 48.49 -0.49 -28.44
C LYS A 3 48.18 0.95 -28.78
N SER A 4 47.27 1.19 -29.73
CA SER A 4 46.97 2.55 -30.17
C SER A 4 46.12 3.28 -29.15
N PHE A 5 45.14 2.60 -28.58
CA PHE A 5 44.31 3.11 -27.50
C PHE A 5 44.93 2.62 -26.20
N PHE A 6 44.65 3.30 -25.07
CA PHE A 6 45.17 2.83 -23.80
C PHE A 6 46.70 2.81 -23.71
N PRO A 7 47.34 3.93 -23.29
CA PRO A 7 48.78 4.13 -23.50
C PRO A 7 49.70 2.92 -23.50
N LYS A 8 49.68 2.11 -22.46
CA LYS A 8 50.49 0.89 -22.49
C LYS A 8 49.72 -0.23 -21.84
N PRO A 9 49.27 -1.19 -22.57
CA PRO A 9 48.31 -2.15 -22.03
C PRO A 9 48.96 -3.08 -21.02
N GLY A 10 50.17 -2.73 -20.61
CA GLY A 10 50.93 -3.50 -19.65
C GLY A 10 50.78 -2.91 -18.28
N THR A 11 51.70 -2.03 -17.91
CA THR A 11 51.68 -1.39 -16.60
C THR A 11 50.45 -0.52 -16.37
N PHE A 12 49.71 -0.12 -17.40
CA PHE A 12 48.57 0.77 -17.19
C PHE A 12 47.53 0.10 -16.30
N PHE A 13 47.10 -1.10 -16.67
CA PHE A 13 46.00 -1.73 -15.95
C PHE A 13 46.40 -2.11 -14.53
N LEU A 14 47.63 -2.62 -14.34
CA LEU A 14 48.12 -2.93 -13.00
C LEU A 14 48.26 -1.68 -12.15
N SER A 15 48.79 -0.60 -12.71
CA SER A 15 48.91 0.63 -11.96
C SER A 15 47.54 1.15 -11.55
N ALA A 16 46.58 1.12 -12.47
CA ALA A 16 45.24 1.56 -12.15
C ALA A 16 44.63 0.72 -11.04
N PHE A 17 44.81 -0.60 -11.11
CA PHE A 17 44.25 -1.47 -10.07
C PHE A 17 44.82 -1.16 -8.70
N VAL A 18 46.14 -1.13 -8.57
CA VAL A 18 46.70 -0.92 -7.24
C VAL A 18 46.38 0.47 -6.74
N TRP A 19 46.29 1.47 -7.62
CA TRP A 19 45.92 2.80 -7.16
C TRP A 19 44.48 2.86 -6.69
N ALA A 20 43.57 2.16 -7.37
CA ALA A 20 42.20 2.08 -6.86
C ALA A 20 42.18 1.46 -5.48
N LEU A 21 42.96 0.40 -5.28
CA LEU A 21 42.95 -0.27 -3.99
C LEU A 21 43.52 0.62 -2.90
N ILE A 22 44.58 1.35 -3.18
CA ILE A 22 45.14 2.27 -2.19
C ILE A 22 44.13 3.34 -1.82
N ALA A 23 43.47 3.95 -2.81
CA ALA A 23 42.51 4.99 -2.49
C ALA A 23 41.35 4.44 -1.66
N VAL A 24 40.81 3.28 -2.02
CA VAL A 24 39.68 2.75 -1.28
C VAL A 24 40.09 2.44 0.16
N ILE A 25 41.26 1.85 0.34
CA ILE A 25 41.72 1.54 1.70
C ILE A 25 41.86 2.80 2.53
N PHE A 26 42.34 3.89 1.92
CA PHE A 26 42.45 5.13 2.68
C PHE A 26 41.08 5.65 3.09
N TRP A 27 40.10 5.63 2.19
CA TRP A 27 38.83 6.28 2.51
C TRP A 27 37.96 5.40 3.40
N GLN A 28 37.61 4.21 2.93
CA GLN A 28 36.60 3.40 3.58
C GLN A 28 36.91 3.06 5.03
N ALA A 29 37.96 2.28 5.26
CA ALA A 29 38.22 1.74 6.58
C ALA A 29 39.36 2.41 7.31
N GLY A 30 40.28 3.05 6.60
CA GLY A 30 41.39 3.71 7.26
C GLY A 30 41.02 5.01 7.93
N GLY A 31 39.76 5.40 7.89
CA GLY A 31 39.33 6.60 8.57
C GLY A 31 39.51 7.85 7.76
N GLY A 32 39.08 7.84 6.50
CA GLY A 32 39.10 9.05 5.70
C GLY A 32 38.07 10.07 6.14
N ASP A 33 37.04 9.63 6.85
CA ASP A 33 35.94 10.49 7.25
C ASP A 33 36.43 11.66 8.09
N TRP A 34 37.70 11.65 8.49
CA TRP A 34 38.18 12.76 9.30
C TRP A 34 38.33 14.04 8.48
N VAL A 35 38.26 13.96 7.15
CA VAL A 35 38.07 15.19 6.40
C VAL A 35 36.72 15.80 6.74
N ALA A 36 35.71 14.94 6.93
CA ALA A 36 34.44 15.38 7.48
C ALA A 36 34.60 15.97 8.88
N ARG A 37 35.71 15.68 9.55
CA ARG A 37 36.03 16.37 10.80
C ARG A 37 36.45 17.81 10.57
N ILE A 38 37.27 18.09 9.55
CA ILE A 38 37.76 19.44 9.36
C ILE A 38 36.62 20.37 8.97
N THR A 39 35.81 19.94 8.00
CA THR A 39 34.65 20.73 7.62
C THR A 39 33.44 20.28 8.44
N GLY A 40 32.39 21.08 8.38
CA GLY A 40 31.23 20.84 9.20
C GLY A 40 30.27 19.80 8.65
N ALA A 41 30.78 18.61 8.36
CA ALA A 41 29.94 17.54 7.82
C ALA A 41 28.99 17.07 8.91
N SER A 42 27.73 17.48 8.80
CA SER A 42 26.74 17.13 9.82
C SER A 42 26.58 15.62 9.91
N GLY A 43 26.57 14.93 8.78
CA GLY A 43 26.42 13.50 8.77
C GLY A 43 25.00 13.00 8.72
N GLN A 44 24.01 13.88 8.79
CA GLN A 44 22.62 13.49 8.66
C GLN A 44 22.12 13.81 7.26
N ILE A 45 21.29 12.92 6.72
CA ILE A 45 21.03 12.85 5.29
C ILE A 45 19.52 12.90 5.06
N PRO A 46 19.00 13.79 4.20
CA PRO A 46 17.55 13.82 3.95
C PRO A 46 17.06 12.61 3.17
N ILE A 47 15.78 12.62 2.80
CA ILE A 47 15.19 11.53 2.01
C ILE A 47 14.70 12.00 0.65
N SER A 48 14.51 13.30 0.45
CA SER A 48 14.06 13.81 -0.82
C SER A 48 15.22 13.81 -1.82
N ALA A 49 15.03 14.43 -2.97
CA ALA A 49 16.09 14.55 -3.94
C ALA A 49 17.04 15.69 -3.64
N ALA A 50 16.91 16.32 -2.48
CA ALA A 50 17.87 17.28 -2.00
C ALA A 50 19.03 16.62 -1.33
N ARG A 51 19.16 15.33 -1.55
CA ARG A 51 20.17 14.54 -0.88
C ARG A 51 21.56 14.85 -1.40
N PHE A 52 21.66 15.18 -2.69
CA PHE A 52 22.90 15.17 -3.43
C PHE A 52 23.63 16.51 -3.45
N TRP A 53 23.28 17.46 -2.58
CA TRP A 53 24.12 18.63 -2.39
C TRP A 53 24.66 18.80 -0.98
N SER A 54 24.14 18.06 -0.01
CA SER A 54 24.64 18.21 1.34
C SER A 54 26.12 17.82 1.39
N LEU A 55 26.85 18.44 2.33
CA LEU A 55 28.29 18.27 2.38
C LEU A 55 28.69 16.80 2.44
N ASP A 56 27.83 15.98 3.01
CA ASP A 56 28.10 14.55 3.13
C ASP A 56 28.42 13.93 1.78
N PHE A 57 27.84 14.44 0.69
CA PHE A 57 28.16 13.92 -0.63
C PHE A 57 29.19 14.77 -1.32
N LEU A 58 29.13 16.07 -1.11
CA LEU A 58 29.93 16.98 -1.89
C LEU A 58 31.41 16.78 -1.60
N ILE A 59 31.72 16.40 -0.35
CA ILE A 59 33.09 16.01 -0.04
C ILE A 59 33.53 14.86 -0.91
N PHE A 60 32.67 13.85 -1.05
CA PHE A 60 33.06 12.67 -1.82
C PHE A 60 33.30 13.02 -3.28
N TYR A 61 32.49 13.92 -3.83
CA TYR A 61 32.73 14.37 -5.19
C TYR A 61 34.13 14.95 -5.32
N ALA A 62 34.50 15.85 -4.39
CA ALA A 62 35.82 16.47 -4.48
C ALA A 62 36.94 15.45 -4.36
N TYR A 63 36.79 14.46 -3.47
CA TYR A 63 37.85 13.47 -3.30
C TYR A 63 38.01 12.57 -4.52
N TYR A 64 36.90 12.17 -5.14
CA TYR A 64 37.03 11.40 -6.38
C TYR A 64 37.76 12.20 -7.45
N ILE A 65 37.39 13.48 -7.60
CA ILE A 65 38.08 14.29 -8.61
C ILE A 65 39.57 14.32 -8.34
N VAL A 66 39.97 14.52 -7.09
CA VAL A 66 41.39 14.66 -6.81
C VAL A 66 42.14 13.37 -7.15
N CYS A 67 41.58 12.22 -6.75
CA CYS A 67 42.28 10.96 -7.03
C CYS A 67 42.48 10.73 -8.53
N VAL A 68 41.41 10.91 -9.32
CA VAL A 68 41.58 10.68 -10.75
C VAL A 68 42.53 11.69 -11.35
N GLY A 69 42.50 12.93 -10.86
CA GLY A 69 43.39 13.94 -11.39
C GLY A 69 44.85 13.56 -11.22
N LEU A 70 45.22 13.13 -10.01
CA LEU A 70 46.61 12.74 -9.78
C LEU A 70 46.99 11.56 -10.66
N PHE A 71 46.15 10.52 -10.70
CA PHE A 71 46.51 9.35 -11.47
C PHE A 71 46.68 9.68 -12.94
N ALA A 72 45.77 10.45 -13.50
CA ALA A 72 45.88 10.79 -14.91
C ALA A 72 47.11 11.66 -15.18
N LEU A 73 47.44 12.57 -14.25
CA LEU A 73 48.56 13.46 -14.49
C LEU A 73 49.86 12.69 -14.59
N PHE A 74 50.05 11.70 -13.72
CA PHE A 74 51.31 10.97 -13.81
C PHE A 74 51.49 10.35 -15.19
N TRP A 75 50.45 9.71 -15.72
CA TRP A 75 50.61 9.10 -17.02
C TRP A 75 50.68 10.11 -18.15
N PHE A 76 50.06 11.29 -18.00
CA PHE A 76 50.24 12.31 -19.02
C PHE A 76 51.70 12.70 -19.14
N ILE A 77 52.41 12.72 -18.02
CA ILE A 77 53.84 13.07 -18.08
C ILE A 77 54.74 11.91 -18.50
N TYR A 78 54.47 10.70 -18.02
CA TYR A 78 55.43 9.62 -18.19
C TYR A 78 55.42 9.05 -19.60
N SER A 79 54.26 8.87 -20.21
CA SER A 79 54.15 8.21 -21.50
C SER A 79 53.07 8.89 -22.33
N PRO A 80 53.44 9.87 -23.15
CA PRO A 80 52.44 10.62 -23.91
C PRO A 80 51.77 9.77 -24.98
N HIS A 81 50.62 10.24 -25.44
CA HIS A 81 49.82 9.48 -26.39
C HIS A 81 48.84 10.43 -27.09
N ARG A 82 48.08 9.87 -28.01
CA ARG A 82 47.20 10.64 -28.90
C ARG A 82 45.74 10.64 -28.43
N TRP A 83 45.20 9.46 -28.14
CA TRP A 83 43.85 9.34 -27.59
C TRP A 83 43.87 9.33 -26.08
N GLN A 84 44.80 10.04 -25.46
CA GLN A 84 44.97 9.90 -24.02
C GLN A 84 43.78 10.48 -23.27
N TYR A 85 43.19 11.57 -23.77
CA TYR A 85 42.05 12.14 -23.08
C TYR A 85 40.89 11.17 -23.02
N TRP A 86 40.49 10.62 -24.16
CA TRP A 86 39.41 9.63 -24.13
C TRP A 86 39.80 8.45 -23.26
N SER A 87 40.99 7.88 -23.49
CA SER A 87 41.37 6.62 -22.84
C SER A 87 41.41 6.72 -21.32
N ILE A 88 41.98 7.79 -20.78
CA ILE A 88 42.04 7.93 -19.33
C ILE A 88 40.70 8.44 -18.80
N LEU A 89 40.36 9.67 -19.19
CA LEU A 89 39.30 10.37 -18.48
C LEU A 89 37.92 9.84 -18.82
N GLY A 90 37.68 9.42 -20.06
CA GLY A 90 36.39 8.86 -20.37
C GLY A 90 36.09 7.65 -19.53
N THR A 91 37.08 6.78 -19.34
CA THR A 91 36.87 5.63 -18.47
C THR A 91 36.58 6.09 -17.05
N ALA A 92 37.30 7.12 -16.59
CA ALA A 92 37.01 7.65 -15.26
C ALA A 92 35.56 8.07 -15.15
N LEU A 93 35.05 8.78 -16.14
CA LEU A 93 33.71 9.31 -16.01
C LEU A 93 32.67 8.21 -16.07
N ILE A 94 32.92 7.16 -16.84
CA ILE A 94 31.96 6.06 -16.91
C ILE A 94 31.87 5.35 -15.56
N ILE A 95 33.01 5.12 -14.92
CA ILE A 95 32.99 4.52 -13.58
C ILE A 95 32.16 5.39 -12.63
N PHE A 96 32.41 6.70 -12.65
CA PHE A 96 31.72 7.55 -11.69
C PHE A 96 30.22 7.58 -11.91
N VAL A 97 29.77 7.67 -13.16
CA VAL A 97 28.32 7.72 -13.39
C VAL A 97 27.67 6.40 -12.99
N THR A 98 28.35 5.28 -13.19
CA THR A 98 27.76 4.02 -12.71
C THR A 98 27.56 4.06 -11.20
N TRP A 99 28.55 4.56 -10.46
CA TRP A 99 28.36 4.65 -9.01
C TRP A 99 27.17 5.56 -8.68
N PHE A 100 27.02 6.65 -9.41
CA PHE A 100 25.91 7.56 -9.11
C PHE A 100 24.57 6.87 -9.25
N LEU A 101 24.38 6.11 -10.33
CA LEU A 101 23.10 5.45 -10.51
C LEU A 101 22.83 4.45 -9.39
N VAL A 102 23.88 3.79 -8.91
CA VAL A 102 23.67 2.92 -7.74
C VAL A 102 23.17 3.72 -6.55
N GLU A 103 23.68 4.94 -6.37
CA GLU A 103 23.22 5.76 -5.24
C GLU A 103 21.75 6.12 -5.38
N VAL A 104 21.29 6.42 -6.59
CA VAL A 104 19.87 6.66 -6.77
C VAL A 104 19.05 5.46 -6.34
N GLY A 105 19.51 4.27 -6.70
CA GLY A 105 18.82 3.07 -6.24
C GLY A 105 18.69 3.02 -4.73
N VAL A 106 19.78 3.34 -4.03
CA VAL A 106 19.74 3.31 -2.56
C VAL A 106 18.73 4.31 -2.02
N ALA A 107 18.62 5.47 -2.65
CA ALA A 107 17.69 6.49 -2.15
C ALA A 107 16.25 6.00 -2.25
N VAL A 108 15.86 5.43 -3.39
CA VAL A 108 14.48 4.97 -3.48
C VAL A 108 14.22 3.84 -2.49
N ASN A 109 15.22 2.99 -2.28
CA ASN A 109 15.09 1.98 -1.24
C ASN A 109 14.74 2.60 0.10
N ALA A 110 15.53 3.59 0.54
CA ALA A 110 15.25 4.20 1.83
C ALA A 110 13.92 4.94 1.85
N TRP A 111 13.36 5.25 0.69
CA TRP A 111 12.05 5.90 0.70
C TRP A 111 10.92 4.92 0.94
N TYR A 112 11.00 3.69 0.46
CA TYR A 112 9.88 2.78 0.74
C TYR A 112 9.51 2.58 2.21
N ALA A 113 10.27 3.07 3.18
CA ALA A 113 9.81 2.75 4.53
C ALA A 113 8.69 3.66 5.01
N PRO A 114 8.84 4.98 4.95
CA PRO A 114 7.74 5.85 5.40
C PRO A 114 6.45 5.69 4.62
N PHE A 115 6.51 5.45 3.32
CA PHE A 115 5.28 5.32 2.55
C PHE A 115 4.44 4.16 3.05
N TYR A 116 5.05 3.01 3.22
CA TYR A 116 4.27 1.85 3.64
C TYR A 116 3.85 1.96 5.10
N ASP A 117 4.65 2.61 5.95
CA ASP A 117 4.16 2.86 7.30
C ASP A 117 2.90 3.71 7.27
N LEU A 118 2.88 4.73 6.41
CA LEU A 118 1.69 5.56 6.25
C LEU A 118 0.50 4.74 5.80
N ILE A 119 0.69 3.84 4.83
CA ILE A 119 -0.45 3.05 4.36
C ILE A 119 -0.99 2.15 5.47
N GLN A 120 -0.10 1.59 6.29
CA GLN A 120 -0.58 0.77 7.40
C GLN A 120 -1.43 1.58 8.36
N THR A 121 -0.99 2.80 8.69
CA THR A 121 -1.83 3.65 9.54
C THR A 121 -3.16 3.99 8.87
N ALA A 122 -3.15 4.25 7.57
CA ALA A 122 -4.40 4.62 6.89
C ALA A 122 -5.37 3.46 6.84
N LEU A 123 -4.88 2.23 6.90
CA LEU A 123 -5.78 1.09 6.89
C LEU A 123 -6.27 0.74 8.28
N SER A 124 -5.44 0.95 9.30
CA SER A 124 -5.82 0.54 10.64
C SER A 124 -6.57 1.60 11.44
N SER A 125 -6.39 2.89 11.13
CA SER A 125 -7.01 3.98 11.87
C SER A 125 -7.25 5.15 10.94
N PRO A 126 -8.41 5.21 10.29
CA PRO A 126 -8.57 6.13 9.17
C PRO A 126 -8.62 7.59 9.53
N HIS A 127 -8.76 7.96 10.80
CA HIS A 127 -8.91 9.37 11.14
C HIS A 127 -7.59 10.08 11.29
N LYS A 128 -6.48 9.38 11.11
CA LYS A 128 -5.18 9.99 11.29
C LYS A 128 -4.52 10.43 10.00
N VAL A 129 -5.03 10.06 8.83
CA VAL A 129 -4.41 10.41 7.57
C VAL A 129 -5.39 11.21 6.72
N THR A 130 -4.86 12.22 6.05
CA THR A 130 -5.61 12.99 5.07
C THR A 130 -4.81 12.99 3.78
N ILE A 131 -5.53 13.09 2.67
CA ILE A 131 -4.99 12.63 1.39
C ILE A 131 -3.77 13.44 0.94
N GLU A 132 -3.65 14.68 1.40
CA GLU A 132 -2.51 15.50 0.97
C GLU A 132 -1.19 14.85 1.32
N GLN A 133 -1.16 14.05 2.39
CA GLN A 133 0.08 13.35 2.72
C GLN A 133 0.44 12.33 1.65
N PHE A 134 -0.55 11.59 1.15
CA PHE A 134 -0.28 10.70 0.03
C PHE A 134 0.29 11.48 -1.15
N TYR A 135 -0.30 12.64 -1.45
CA TYR A 135 0.18 13.37 -2.61
C TYR A 135 1.61 13.89 -2.39
N ARG A 136 1.96 14.25 -1.17
CA ARG A 136 3.34 14.68 -0.97
C ARG A 136 4.33 13.52 -1.13
N GLU A 137 3.94 12.31 -0.71
CA GLU A 137 4.82 11.16 -0.93
C GLU A 137 5.09 10.95 -2.41
N VAL A 138 4.03 10.97 -3.22
CA VAL A 138 4.25 10.84 -4.65
C VAL A 138 5.12 11.98 -5.18
N GLY A 139 4.96 13.18 -4.62
CA GLY A 139 5.78 14.29 -5.06
C GLY A 139 7.27 14.02 -4.90
N VAL A 140 7.67 13.53 -3.73
CA VAL A 140 9.11 13.31 -3.53
C VAL A 140 9.61 12.17 -4.41
N PHE A 141 8.79 11.14 -4.62
CA PHE A 141 9.28 10.06 -5.48
C PHE A 141 9.54 10.56 -6.89
N LEU A 142 8.63 11.36 -7.45
CA LEU A 142 8.90 11.90 -8.78
C LEU A 142 10.11 12.83 -8.76
N GLY A 143 10.33 13.52 -7.64
CA GLY A 143 11.51 14.35 -7.53
C GLY A 143 12.79 13.58 -7.75
N ILE A 144 12.85 12.35 -7.24
CA ILE A 144 14.04 11.52 -7.49
C ILE A 144 14.05 10.96 -8.92
N ALA A 145 12.91 10.47 -9.38
CA ALA A 145 12.89 9.80 -10.68
C ALA A 145 13.33 10.74 -11.79
N LEU A 146 13.08 12.04 -11.67
CA LEU A 146 13.51 12.95 -12.72
C LEU A 146 15.02 12.94 -12.89
N ILE A 147 15.75 13.00 -11.78
CA ILE A 147 17.20 13.03 -11.87
C ILE A 147 17.71 11.71 -12.44
N ALA A 148 17.04 10.60 -12.10
CA ALA A 148 17.46 9.33 -12.68
C ALA A 148 17.34 9.36 -14.20
N VAL A 149 16.24 9.90 -14.71
CA VAL A 149 16.02 9.96 -16.16
C VAL A 149 17.13 10.74 -16.85
N VAL A 150 17.39 11.95 -16.36
CA VAL A 150 18.35 12.80 -17.06
C VAL A 150 19.74 12.16 -17.09
N ILE A 151 20.20 11.66 -15.94
CA ILE A 151 21.55 11.09 -15.95
C ILE A 151 21.62 9.88 -16.87
N SER A 152 20.59 9.04 -16.87
CA SER A 152 20.66 7.86 -17.71
C SER A 152 20.80 8.21 -19.18
N VAL A 153 20.01 9.18 -19.66
CA VAL A 153 20.08 9.56 -21.07
C VAL A 153 21.47 10.06 -21.44
N LEU A 154 22.00 10.99 -20.66
CA LEU A 154 23.30 11.53 -21.01
C LEU A 154 24.38 10.45 -20.99
N ASN A 155 24.32 9.54 -20.02
CA ASN A 155 25.35 8.52 -19.93
C ASN A 155 25.35 7.62 -21.15
N ASN A 156 24.16 7.24 -21.65
CA ASN A 156 24.15 6.39 -22.84
C ASN A 156 24.75 7.09 -24.03
N PHE A 157 24.43 8.37 -24.22
CA PHE A 157 25.08 9.13 -25.30
C PHE A 157 26.60 9.02 -25.22
N PHE A 158 27.16 9.31 -24.05
CA PHE A 158 28.61 9.33 -23.94
C PHE A 158 29.21 7.96 -24.18
N VAL A 159 28.61 6.91 -23.62
CA VAL A 159 29.20 5.58 -23.80
C VAL A 159 29.27 5.23 -25.27
N SER A 160 28.20 5.49 -26.03
CA SER A 160 28.23 5.16 -27.44
C SER A 160 29.36 5.89 -28.14
N HIS A 161 29.56 7.18 -27.82
CA HIS A 161 30.62 7.91 -28.52
C HIS A 161 32.00 7.36 -28.17
N TYR A 162 32.22 7.00 -26.91
CA TYR A 162 33.52 6.47 -26.53
C TYR A 162 33.83 5.18 -27.27
N VAL A 163 32.84 4.29 -27.39
CA VAL A 163 33.08 3.06 -28.13
C VAL A 163 33.46 3.36 -29.58
N PHE A 164 32.74 4.28 -30.23
CA PHE A 164 33.13 4.58 -31.60
C PHE A 164 34.53 5.16 -31.69
N ARG A 165 35.01 5.83 -30.65
CA ARG A 165 36.40 6.27 -30.72
C ARG A 165 37.35 5.08 -30.65
N TRP A 166 37.02 4.07 -29.85
CA TRP A 166 37.86 2.87 -29.84
C TRP A 166 37.97 2.29 -31.25
N ARG A 167 36.83 2.22 -31.94
CA ARG A 167 36.82 1.66 -33.28
C ARG A 167 37.69 2.45 -34.24
N THR A 168 37.54 3.76 -34.26
CA THR A 168 38.37 4.53 -35.18
C THR A 168 39.85 4.42 -34.85
N ALA A 169 40.19 4.25 -33.56
CA ALA A 169 41.61 4.13 -33.20
C ALA A 169 42.23 2.87 -33.75
N MET A 170 41.63 1.70 -33.48
CA MET A 170 42.28 0.50 -34.01
C MET A 170 42.15 0.41 -35.52
N ASN A 171 41.12 1.01 -36.12
CA ASN A 171 41.08 1.05 -37.58
C ASN A 171 42.26 1.81 -38.14
N GLU A 172 42.57 2.99 -37.60
CA GLU A 172 43.72 3.72 -38.12
C GLU A 172 44.99 2.90 -37.95
N TYR A 173 45.15 2.25 -36.80
CA TYR A 173 46.37 1.49 -36.58
C TYR A 173 46.52 0.37 -37.60
N TYR A 174 45.45 -0.38 -37.87
CA TYR A 174 45.57 -1.49 -38.82
C TYR A 174 45.79 -0.97 -40.24
N MET A 175 44.98 -0.01 -40.67
CA MET A 175 45.04 0.47 -42.04
C MET A 175 46.29 1.28 -42.34
N ALA A 176 47.02 1.74 -41.33
CA ALA A 176 48.29 2.38 -41.64
C ALA A 176 49.30 1.37 -42.19
N ASN A 177 49.21 0.11 -41.77
CA ASN A 177 50.16 -0.92 -42.14
C ASN A 177 49.52 -1.95 -43.05
N TRP A 178 48.80 -1.49 -44.07
CA TRP A 178 48.05 -2.41 -44.90
C TRP A 178 48.95 -3.35 -45.69
N GLN A 179 50.06 -2.83 -46.21
CA GLN A 179 50.81 -3.57 -47.22
C GLN A 179 51.38 -4.88 -46.68
N GLN A 180 52.04 -4.82 -45.51
CA GLN A 180 52.48 -6.06 -44.90
C GLN A 180 51.29 -6.94 -44.52
N LEU A 181 50.16 -6.31 -44.24
CA LEU A 181 48.96 -7.00 -43.80
C LEU A 181 48.08 -7.40 -44.97
N ARG A 182 48.51 -7.07 -46.19
CA ARG A 182 47.66 -7.16 -47.37
C ARG A 182 47.24 -8.59 -47.70
N HIS A 183 48.16 -9.54 -47.58
CA HIS A 183 47.98 -10.85 -48.20
C HIS A 183 47.33 -11.88 -47.30
N ILE A 184 47.11 -11.59 -46.02
CA ILE A 184 46.38 -12.51 -45.17
C ILE A 184 44.98 -12.66 -45.72
N GLU A 185 44.46 -13.88 -45.67
CA GLU A 185 43.13 -14.15 -46.21
C GLU A 185 42.06 -13.44 -45.39
N GLY A 186 41.13 -12.79 -46.08
CA GLY A 186 40.03 -12.11 -45.43
C GLY A 186 40.39 -10.90 -44.60
N ALA A 187 41.29 -10.04 -45.09
CA ALA A 187 41.57 -8.80 -44.39
C ALA A 187 40.33 -7.92 -44.29
N ALA A 188 39.59 -7.80 -45.38
CA ALA A 188 38.44 -6.90 -45.39
C ALA A 188 37.44 -7.28 -44.32
N GLN A 189 37.15 -8.55 -44.18
CA GLN A 189 36.17 -8.98 -43.18
C GLN A 189 36.59 -8.57 -41.77
N ARG A 190 37.82 -8.87 -41.40
CA ARG A 190 38.31 -8.51 -40.08
C ARG A 190 38.20 -7.01 -39.87
N VAL A 191 38.92 -6.23 -40.68
CA VAL A 191 39.00 -4.78 -40.49
C VAL A 191 37.66 -4.10 -40.78
N GLN A 192 36.64 -4.85 -41.20
CA GLN A 192 35.32 -4.29 -41.39
C GLN A 192 34.35 -4.55 -40.25
N GLU A 193 34.40 -5.70 -39.61
CA GLU A 193 33.41 -5.78 -38.53
C GLU A 193 33.98 -6.26 -37.20
N ASP A 194 35.09 -6.99 -37.20
CA ASP A 194 35.56 -7.49 -35.91
C ASP A 194 35.92 -6.37 -34.96
N THR A 195 36.41 -5.24 -35.48
CA THR A 195 36.76 -4.12 -34.61
C THR A 195 35.56 -3.67 -33.79
N MET A 196 34.44 -3.41 -34.46
CA MET A 196 33.25 -2.97 -33.73
C MET A 196 32.75 -4.04 -32.78
N ARG A 197 32.68 -5.29 -33.23
CA ARG A 197 32.08 -6.29 -32.35
C ARG A 197 32.91 -6.47 -31.09
N PHE A 198 34.23 -6.51 -31.23
CA PHE A 198 35.11 -6.63 -30.07
C PHE A 198 34.95 -5.44 -29.14
N ALA A 199 35.03 -4.21 -29.67
CA ALA A 199 34.98 -3.04 -28.80
C ALA A 199 33.65 -2.98 -28.04
N SER A 200 32.54 -3.12 -28.76
CA SER A 200 31.24 -2.99 -28.12
C SER A 200 31.04 -4.05 -27.05
N THR A 201 31.38 -5.31 -27.34
CA THR A 201 31.13 -6.35 -26.36
C THR A 201 32.00 -6.17 -25.12
N LEU A 202 33.27 -5.79 -25.30
CA LEU A 202 34.12 -5.58 -24.15
C LEU A 202 33.59 -4.47 -23.26
N GLU A 203 33.09 -3.40 -23.87
CA GLU A 203 32.50 -2.32 -23.08
C GLU A 203 31.35 -2.82 -22.24
N ASN A 204 30.42 -3.54 -22.86
CA ASN A 204 29.24 -3.96 -22.13
C ASN A 204 29.59 -4.86 -20.95
N MET A 205 30.48 -5.83 -21.15
CA MET A 205 30.80 -6.74 -20.07
C MET A 205 31.54 -6.05 -18.93
N GLY A 206 32.49 -5.16 -19.26
CA GLY A 206 33.18 -4.45 -18.20
C GLY A 206 32.23 -3.67 -17.32
N VAL A 207 31.31 -2.93 -17.93
CA VAL A 207 30.35 -2.15 -17.14
C VAL A 207 29.51 -3.07 -16.27
N SER A 208 29.05 -4.21 -16.81
CA SER A 208 28.19 -5.08 -16.01
C SER A 208 28.91 -5.62 -14.77
N PHE A 209 30.18 -6.03 -14.93
CA PHE A 209 30.92 -6.54 -13.77
C PHE A 209 31.06 -5.47 -12.68
N ILE A 210 31.49 -4.26 -13.07
CA ILE A 210 31.64 -3.21 -12.06
C ILE A 210 30.29 -2.91 -11.40
N ASN A 211 29.21 -2.93 -12.18
CA ASN A 211 27.88 -2.71 -11.62
C ASN A 211 27.59 -3.68 -10.49
N ALA A 212 27.85 -4.96 -10.73
CA ALA A 212 27.54 -5.97 -9.72
C ALA A 212 28.31 -5.71 -8.42
N ILE A 213 29.61 -5.45 -8.55
CA ILE A 213 30.39 -5.26 -7.33
C ILE A 213 29.92 -4.04 -6.56
N MET A 214 29.61 -2.95 -7.26
CA MET A 214 29.17 -1.75 -6.54
C MET A 214 27.81 -1.92 -5.89
N THR A 215 26.88 -2.65 -6.52
CA THR A 215 25.60 -2.88 -5.85
C THR A 215 25.80 -3.63 -4.54
N LEU A 216 26.61 -4.69 -4.58
CA LEU A 216 26.83 -5.47 -3.35
C LEU A 216 27.47 -4.64 -2.25
N ILE A 217 28.52 -3.89 -2.59
CA ILE A 217 29.21 -3.10 -1.58
C ILE A 217 28.31 -2.01 -1.03
N ALA A 218 27.47 -1.42 -1.87
CA ALA A 218 26.63 -0.33 -1.39
C ALA A 218 25.52 -0.81 -0.50
N PHE A 219 25.06 -2.06 -0.68
CA PHE A 219 23.93 -2.52 0.09
C PHE A 219 24.28 -3.30 1.35
N LEU A 220 25.53 -3.73 1.54
CA LEU A 220 25.83 -4.43 2.80
C LEU A 220 25.59 -3.59 4.06
N PRO A 221 26.10 -2.37 4.19
CA PRO A 221 25.87 -1.63 5.45
C PRO A 221 24.41 -1.44 5.80
N VAL A 222 23.52 -1.31 4.83
CA VAL A 222 22.10 -1.20 5.15
C VAL A 222 21.66 -2.43 5.91
N LEU A 223 22.03 -3.61 5.43
CA LEU A 223 21.63 -4.84 6.10
C LEU A 223 22.29 -4.97 7.45
N VAL A 224 23.51 -4.44 7.61
CA VAL A 224 24.14 -4.50 8.93
C VAL A 224 23.38 -3.64 9.92
N THR A 225 22.99 -2.43 9.53
CA THR A 225 22.31 -1.57 10.49
C THR A 225 20.83 -1.91 10.66
N LEU A 226 20.29 -2.76 9.81
CA LEU A 226 18.87 -3.05 9.84
C LEU A 226 18.56 -4.45 10.34
N SER A 227 19.59 -5.28 10.55
CA SER A 227 19.51 -6.62 11.11
C SER A 227 19.33 -6.64 12.59
N ALA A 228 19.08 -5.52 13.26
CA ALA A 228 18.81 -5.54 14.68
C ALA A 228 17.35 -5.78 15.00
N HIS A 229 16.45 -5.63 14.03
CA HIS A 229 15.03 -5.82 14.22
C HIS A 229 14.57 -7.23 13.90
N VAL A 230 15.48 -8.11 13.52
CA VAL A 230 15.17 -9.50 13.19
C VAL A 230 16.08 -10.41 14.00
N PRO A 231 15.79 -10.64 15.28
CA PRO A 231 16.74 -11.41 16.09
C PRO A 231 16.82 -12.88 15.71
N GLU A 232 15.70 -13.53 15.41
CA GLU A 232 15.63 -14.97 15.23
C GLU A 232 15.41 -15.33 13.76
N LEU A 233 16.29 -16.13 13.21
CA LEU A 233 16.07 -16.72 11.90
C LEU A 233 15.08 -17.87 12.05
N PRO A 234 14.50 -18.37 10.95
CA PRO A 234 13.33 -19.26 11.09
C PRO A 234 13.60 -20.53 11.86
N ILE A 235 14.65 -21.26 11.52
CA ILE A 235 14.92 -22.57 12.12
C ILE A 235 16.22 -22.57 12.92
N ILE A 236 17.28 -21.94 12.40
CA ILE A 236 18.58 -22.08 13.06
C ILE A 236 18.62 -21.33 14.38
N GLY A 237 17.64 -20.48 14.64
CA GLY A 237 17.54 -19.91 15.97
C GLY A 237 18.02 -18.48 16.08
N HIS A 238 19.15 -18.28 16.74
CA HIS A 238 19.73 -16.96 16.94
C HIS A 238 21.17 -16.96 16.44
N ILE A 239 21.47 -16.06 15.52
CA ILE A 239 22.81 -15.92 14.96
C ILE A 239 23.16 -14.43 14.88
N PRO A 240 24.37 -14.02 15.29
CA PRO A 240 24.63 -12.58 15.48
C PRO A 240 24.36 -11.72 14.24
N TYR A 241 24.65 -12.20 13.05
CA TYR A 241 24.41 -11.46 11.83
C TYR A 241 23.60 -12.29 10.86
N GLY A 242 22.47 -12.82 11.35
CA GLY A 242 21.72 -13.77 10.55
C GLY A 242 21.37 -13.25 9.17
N LEU A 243 20.88 -12.01 9.10
CA LEU A 243 20.42 -11.51 7.82
C LEU A 243 21.56 -11.42 6.81
N VAL A 244 22.67 -10.79 7.19
CA VAL A 244 23.75 -10.56 6.23
C VAL A 244 24.35 -11.89 5.78
N ILE A 245 24.54 -12.82 6.72
CA ILE A 245 25.07 -14.13 6.36
C ILE A 245 24.14 -14.82 5.38
N ALA A 246 22.83 -14.81 5.66
CA ALA A 246 21.89 -15.50 4.78
C ALA A 246 21.87 -14.88 3.40
N ALA A 247 21.88 -13.55 3.31
CA ALA A 247 21.88 -12.91 2.01
C ALA A 247 23.12 -13.28 1.22
N ILE A 248 24.30 -13.17 1.82
CA ILE A 248 25.53 -13.46 1.11
C ILE A 248 25.54 -14.89 0.61
N VAL A 249 25.23 -15.84 1.50
CA VAL A 249 25.25 -17.23 1.09
C VAL A 249 24.29 -17.48 -0.05
N TRP A 250 23.04 -17.03 0.08
CA TRP A 250 22.06 -17.31 -0.95
C TRP A 250 22.50 -16.75 -2.30
N SER A 251 22.84 -15.47 -2.35
CA SER A 251 23.18 -14.88 -3.65
C SER A 251 24.42 -15.53 -4.26
N LEU A 252 25.54 -15.48 -3.52
CA LEU A 252 26.79 -15.93 -4.11
C LEU A 252 26.78 -17.43 -4.38
N MET A 253 26.26 -18.23 -3.45
CA MET A 253 26.18 -19.66 -3.70
C MET A 253 25.23 -19.98 -4.83
N GLY A 254 24.14 -19.23 -4.98
CA GLY A 254 23.26 -19.46 -6.11
C GLY A 254 23.98 -19.29 -7.42
N THR A 255 24.70 -18.17 -7.57
CA THR A 255 25.44 -17.95 -8.81
C THR A 255 26.55 -18.97 -8.99
N GLY A 256 27.27 -19.31 -7.91
CA GLY A 256 28.36 -20.26 -8.02
C GLY A 256 27.90 -21.64 -8.44
N LEU A 257 26.86 -22.15 -7.80
CA LEU A 257 26.35 -23.46 -8.19
C LEU A 257 25.60 -23.40 -9.53
N LEU A 258 25.17 -22.23 -9.96
CA LEU A 258 24.57 -22.16 -11.28
C LEU A 258 25.59 -22.19 -12.40
N ALA A 259 26.76 -21.58 -12.19
CA ALA A 259 27.78 -21.48 -13.22
C ALA A 259 28.85 -22.54 -13.10
N VAL A 260 28.66 -23.55 -12.25
CA VAL A 260 29.56 -24.70 -12.23
C VAL A 260 28.86 -25.96 -12.71
N VAL A 261 27.53 -26.00 -12.70
CA VAL A 261 26.79 -27.15 -13.24
C VAL A 261 26.61 -27.04 -14.75
N GLY A 262 26.77 -25.85 -15.31
CA GLY A 262 26.70 -25.69 -16.75
C GLY A 262 28.05 -25.34 -17.32
N ILE A 263 29.09 -26.06 -16.91
CA ILE A 263 30.45 -25.71 -17.34
C ILE A 263 30.85 -26.33 -18.66
N LYS A 264 30.23 -27.45 -19.05
CA LYS A 264 30.64 -28.14 -20.27
C LYS A 264 30.22 -27.41 -21.53
N LEU A 265 29.35 -26.41 -21.42
CA LEU A 265 28.73 -25.82 -22.61
C LEU A 265 29.70 -25.09 -23.55
N PRO A 266 30.68 -24.30 -23.10
CA PRO A 266 31.53 -23.58 -24.06
C PRO A 266 32.22 -24.48 -25.07
N GLY A 267 32.72 -25.64 -24.64
CA GLY A 267 33.39 -26.52 -25.56
C GLY A 267 32.49 -26.98 -26.69
N LEU A 268 31.25 -27.36 -26.35
CA LEU A 268 30.31 -27.82 -27.35
C LEU A 268 29.95 -26.72 -28.33
N GLU A 269 29.76 -25.51 -27.83
CA GLU A 269 29.47 -24.39 -28.72
C GLU A 269 30.63 -24.17 -29.69
N PHE A 270 31.87 -24.22 -29.18
CA PHE A 270 33.00 -23.99 -30.07
C PHE A 270 33.12 -25.11 -31.10
N LYS A 271 32.86 -26.34 -30.71
CA LYS A 271 32.90 -27.44 -31.66
C LYS A 271 31.88 -27.25 -32.77
N ASN A 272 30.67 -26.82 -32.40
CA ASN A 272 29.66 -26.58 -33.41
C ASN A 272 30.11 -25.48 -34.38
N GLN A 273 30.70 -24.41 -33.84
CA GLN A 273 31.23 -23.35 -34.70
C GLN A 273 32.24 -23.91 -35.69
N ARG A 274 33.17 -24.73 -35.20
CA ARG A 274 34.24 -25.22 -36.06
C ARG A 274 33.70 -26.09 -37.17
N VAL A 275 32.77 -26.99 -36.84
CA VAL A 275 32.26 -27.90 -37.87
C VAL A 275 31.43 -27.13 -38.90
N GLU A 276 30.65 -26.14 -38.46
CA GLU A 276 29.92 -25.34 -39.42
C GLU A 276 30.86 -24.59 -40.35
N ALA A 277 31.96 -24.04 -39.82
CA ALA A 277 32.90 -23.34 -40.68
C ALA A 277 33.54 -24.28 -41.69
N ALA A 278 33.85 -25.50 -41.28
CA ALA A 278 34.40 -26.47 -42.23
C ALA A 278 33.42 -26.74 -43.35
N TYR A 279 32.13 -26.88 -43.01
CA TYR A 279 31.11 -27.03 -44.04
C TYR A 279 31.09 -25.83 -44.98
N ARG A 280 31.23 -24.63 -44.42
CA ARG A 280 31.22 -23.41 -45.23
C ARG A 280 32.34 -23.45 -46.26
N LYS A 281 33.57 -23.69 -45.79
CA LYS A 281 34.71 -23.72 -46.71
C LYS A 281 34.55 -24.81 -47.77
N GLU A 282 34.11 -26.00 -47.35
CA GLU A 282 33.91 -27.07 -48.33
C GLU A 282 32.92 -26.66 -49.39
N LEU A 283 31.87 -25.94 -49.03
CA LEU A 283 30.94 -25.48 -50.05
C LEU A 283 31.55 -24.41 -50.94
N VAL A 284 32.44 -23.58 -50.41
CA VAL A 284 32.97 -22.45 -51.18
C VAL A 284 33.67 -22.92 -52.44
N TYR A 285 34.39 -24.05 -52.37
CA TYR A 285 35.01 -24.58 -53.57
C TYR A 285 33.95 -24.91 -54.62
N GLY A 286 32.85 -25.51 -54.19
CA GLY A 286 31.78 -25.86 -55.11
C GLY A 286 31.06 -24.69 -55.73
N GLU A 287 31.52 -23.47 -55.47
CA GLU A 287 30.86 -22.28 -55.99
C GLU A 287 31.42 -21.84 -57.34
N ASP A 288 32.73 -22.02 -57.57
CA ASP A 288 33.35 -21.65 -58.83
C ASP A 288 33.71 -22.86 -59.69
N ASP A 289 34.12 -23.96 -59.06
CA ASP A 289 34.54 -25.15 -59.80
C ASP A 289 33.33 -25.94 -60.27
N ALA A 290 33.55 -27.17 -60.73
CA ALA A 290 32.45 -28.00 -61.22
C ALA A 290 32.37 -29.31 -60.44
N THR A 291 33.50 -29.97 -60.23
CA THR A 291 33.55 -31.26 -59.56
C THR A 291 33.87 -31.06 -58.07
N ARG A 292 33.03 -30.27 -57.41
CA ARG A 292 33.11 -30.11 -55.96
C ARG A 292 31.76 -30.21 -55.27
N ALA A 293 30.66 -30.32 -56.02
CA ALA A 293 29.34 -30.47 -55.41
C ALA A 293 29.31 -31.71 -54.52
N THR A 294 29.46 -32.88 -55.14
CA THR A 294 29.62 -34.15 -54.43
C THR A 294 28.52 -34.35 -53.39
N PRO A 295 27.31 -34.70 -53.82
CA PRO A 295 26.21 -34.90 -52.90
C PRO A 295 26.56 -35.85 -51.76
N PRO A 296 27.34 -36.91 -52.00
CA PRO A 296 27.75 -37.73 -50.84
C PRO A 296 28.51 -36.95 -49.77
N THR A 297 29.50 -36.14 -50.16
CA THR A 297 30.27 -35.44 -49.15
C THR A 297 29.43 -34.35 -48.49
N VAL A 298 28.55 -33.71 -49.23
CA VAL A 298 27.67 -32.73 -48.61
C VAL A 298 26.75 -33.40 -47.61
N ARG A 299 26.28 -34.62 -47.92
CA ARG A 299 25.49 -35.38 -46.96
C ARG A 299 26.29 -35.68 -45.70
N GLU A 300 27.55 -36.08 -45.85
CA GLU A 300 28.36 -36.40 -44.68
C GLU A 300 28.61 -35.15 -43.84
N LEU A 301 28.89 -34.03 -44.47
CA LEU A 301 29.10 -32.79 -43.72
C LEU A 301 27.84 -32.37 -42.98
N PHE A 302 26.67 -32.50 -43.62
CA PHE A 302 25.46 -32.14 -42.92
C PHE A 302 25.19 -33.07 -41.74
N SER A 303 25.43 -34.38 -41.92
CA SER A 303 25.24 -35.28 -40.80
C SER A 303 26.18 -34.97 -39.65
N ALA A 304 27.39 -34.50 -39.96
CA ALA A 304 28.27 -34.02 -38.91
C ALA A 304 27.70 -32.79 -38.22
N VAL A 305 27.08 -31.89 -38.98
CA VAL A 305 26.44 -30.73 -38.36
C VAL A 305 25.24 -31.15 -37.53
N ARG A 306 24.65 -32.30 -37.81
CA ARG A 306 23.44 -32.72 -37.10
C ARG A 306 23.80 -33.47 -35.81
N LYS A 307 24.45 -34.62 -35.93
CA LYS A 307 24.73 -35.43 -34.75
C LYS A 307 25.39 -34.63 -33.65
N ASN A 308 26.30 -33.73 -34.01
CA ASN A 308 27.08 -32.96 -33.07
C ASN A 308 26.27 -31.85 -32.43
N TYR A 309 25.19 -31.44 -33.05
CA TYR A 309 24.57 -30.20 -32.67
C TYR A 309 23.25 -30.51 -31.96
N PHE A 310 23.01 -31.78 -31.65
CA PHE A 310 21.99 -32.21 -30.68
C PHE A 310 22.55 -32.32 -29.28
N ARG A 311 23.84 -32.62 -29.12
CA ARG A 311 24.41 -32.66 -27.77
C ARG A 311 24.21 -31.36 -27.05
N LEU A 312 24.34 -30.24 -27.75
CA LEU A 312 24.10 -28.95 -27.12
C LEU A 312 22.64 -28.82 -26.72
N TYR A 313 21.71 -29.25 -27.57
CA TYR A 313 20.29 -29.16 -27.21
C TYR A 313 19.93 -30.05 -26.05
N PHE A 314 20.76 -31.03 -25.71
CA PHE A 314 20.47 -31.93 -24.60
C PHE A 314 21.20 -31.56 -23.32
N HIS A 315 22.48 -31.21 -23.39
CA HIS A 315 23.16 -30.76 -22.19
C HIS A 315 22.78 -29.32 -21.94
N TYR A 316 21.49 -29.04 -22.04
CA TYR A 316 20.95 -27.73 -21.78
C TYR A 316 19.73 -27.80 -20.88
N MET A 317 19.05 -28.94 -20.81
CA MET A 317 18.05 -29.13 -19.78
C MET A 317 18.68 -29.05 -18.40
N TYR A 318 19.89 -29.58 -18.23
CA TYR A 318 20.58 -29.50 -16.95
C TYR A 318 20.77 -28.07 -16.50
N PHE A 319 21.13 -27.18 -17.42
CA PHE A 319 21.32 -25.80 -17.07
C PHE A 319 20.02 -25.04 -17.00
N ASN A 320 18.90 -25.61 -17.46
CA ASN A 320 17.64 -24.89 -17.37
C ASN A 320 16.74 -25.37 -16.26
N ILE A 321 16.99 -26.53 -15.66
CA ILE A 321 16.29 -26.88 -14.43
C ILE A 321 16.81 -26.03 -13.28
N ALA A 322 18.13 -25.90 -13.17
CA ALA A 322 18.73 -25.18 -12.05
C ALA A 322 18.34 -23.71 -12.07
N ARG A 323 18.44 -23.09 -13.25
CA ARG A 323 18.13 -21.67 -13.34
C ARG A 323 16.69 -21.38 -12.96
N ILE A 324 15.75 -22.21 -13.42
CA ILE A 324 14.35 -21.97 -13.09
C ILE A 324 14.07 -22.26 -11.61
N LEU A 325 14.61 -23.34 -11.07
CA LEU A 325 14.38 -23.60 -9.65
C LEU A 325 14.86 -22.45 -8.80
N TYR A 326 16.08 -21.98 -9.07
CA TYR A 326 16.62 -20.87 -8.29
C TYR A 326 15.76 -19.63 -8.46
N LEU A 327 15.42 -19.29 -9.69
CA LEU A 327 14.68 -18.06 -9.94
C LEU A 327 13.25 -18.13 -9.44
N GLN A 328 12.72 -19.32 -9.16
CA GLN A 328 11.40 -19.41 -8.57
C GLN A 328 11.43 -19.41 -7.05
N VAL A 329 12.30 -20.22 -6.46
CA VAL A 329 12.38 -20.26 -4.99
C VAL A 329 12.74 -18.89 -4.45
N ASP A 330 13.53 -18.12 -5.20
CA ASP A 330 13.89 -16.78 -4.74
C ASP A 330 12.68 -15.88 -4.55
N ASN A 331 11.54 -16.18 -5.16
CA ASN A 331 10.40 -15.28 -5.02
C ASN A 331 9.83 -15.28 -3.60
N VAL A 332 10.09 -16.33 -2.83
CA VAL A 332 9.55 -16.43 -1.48
C VAL A 332 10.64 -16.70 -0.45
N PHE A 333 11.86 -17.02 -0.87
CA PHE A 333 12.92 -17.16 0.12
C PHE A 333 13.24 -15.84 0.81
N GLY A 334 12.98 -14.71 0.15
CA GLY A 334 13.24 -13.43 0.79
C GLY A 334 12.34 -13.17 1.97
N LEU A 335 11.08 -13.57 1.87
CA LEU A 335 10.06 -13.41 2.90
C LEU A 335 9.95 -14.61 3.82
N PHE A 336 10.67 -15.69 3.53
CA PHE A 336 10.65 -16.85 4.41
C PHE A 336 11.44 -16.62 5.68
N LEU A 337 12.33 -15.64 5.70
CA LEU A 337 13.19 -15.35 6.84
C LEU A 337 12.52 -14.50 7.90
N LEU A 338 11.29 -14.06 7.67
CA LEU A 338 10.60 -13.16 8.58
C LEU A 338 9.34 -13.79 9.14
N PHE A 339 9.30 -15.10 9.28
CA PHE A 339 8.07 -15.63 9.84
C PHE A 339 8.02 -15.52 11.36
N PRO A 340 9.01 -15.99 12.11
CA PRO A 340 8.92 -15.82 13.57
C PRO A 340 8.83 -14.36 13.98
N SER A 341 9.55 -13.48 13.29
CA SER A 341 9.48 -12.06 13.57
C SER A 341 8.09 -11.50 13.28
N ILE A 342 7.47 -11.90 12.16
CA ILE A 342 6.14 -11.40 11.85
C ILE A 342 5.15 -11.86 12.89
N VAL A 343 5.21 -13.15 13.26
CA VAL A 343 4.26 -13.67 14.23
C VAL A 343 4.40 -12.95 15.55
N ALA A 344 5.64 -12.70 15.99
CA ALA A 344 5.82 -11.97 17.24
C ALA A 344 5.46 -10.50 17.13
N GLY A 345 5.19 -9.98 15.93
CA GLY A 345 4.81 -8.60 15.77
C GLY A 345 5.86 -7.57 16.11
N THR A 346 7.12 -7.81 15.72
CA THR A 346 8.21 -6.89 15.98
C THR A 346 8.44 -5.91 14.83
N ILE A 347 8.34 -6.37 13.58
CA ILE A 347 8.55 -5.52 12.42
C ILE A 347 7.22 -4.89 12.03
N THR A 348 7.28 -3.74 11.38
CA THR A 348 6.10 -3.03 10.92
C THR A 348 6.10 -3.01 9.40
N LEU A 349 4.91 -2.97 8.82
CA LEU A 349 4.84 -2.98 7.35
C LEU A 349 5.61 -1.78 6.86
N GLY A 350 6.82 -2.00 6.38
CA GLY A 350 7.67 -0.89 6.04
C GLY A 350 9.12 -1.17 6.35
N LEU A 351 9.37 -2.04 7.31
CA LEU A 351 10.62 -2.76 7.35
C LEU A 351 10.51 -4.13 6.73
N MET A 352 9.29 -4.59 6.47
CA MET A 352 9.09 -5.78 5.65
C MET A 352 9.40 -5.47 4.19
N THR A 353 8.88 -4.36 3.68
CA THR A 353 9.06 -4.04 2.27
C THR A 353 10.45 -3.53 1.98
N GLN A 354 11.07 -2.82 2.90
CA GLN A 354 12.43 -2.37 2.67
C GLN A 354 13.41 -3.55 2.59
N ILE A 355 13.25 -4.56 3.45
CA ILE A 355 14.10 -5.73 3.37
C ILE A 355 13.81 -6.56 2.12
N THR A 356 12.53 -6.79 1.85
CA THR A 356 12.20 -7.53 0.64
C THR A 356 12.76 -6.85 -0.60
N ASN A 357 12.75 -5.51 -0.62
CA ASN A 357 13.30 -4.77 -1.74
C ASN A 357 14.82 -4.83 -1.79
N VAL A 358 15.49 -4.87 -0.63
CA VAL A 358 16.94 -5.06 -0.65
C VAL A 358 17.28 -6.37 -1.34
N PHE A 359 16.62 -7.44 -0.94
CA PHE A 359 16.91 -8.74 -1.56
C PHE A 359 16.57 -8.72 -3.05
N GLY A 360 15.44 -8.10 -3.39
CA GLY A 360 15.04 -8.05 -4.79
C GLY A 360 16.01 -7.28 -5.65
N GLN A 361 16.53 -6.15 -5.14
CA GLN A 361 17.48 -5.35 -5.92
C GLN A 361 18.81 -6.06 -6.09
N VAL A 362 19.33 -6.68 -5.02
CA VAL A 362 20.57 -7.44 -5.17
C VAL A 362 20.38 -8.55 -6.21
N ARG A 363 19.27 -9.28 -6.14
CA ARG A 363 19.06 -10.37 -7.10
C ARG A 363 18.90 -9.84 -8.52
N GLY A 364 18.10 -8.79 -8.71
CA GLY A 364 17.85 -8.29 -10.05
C GLY A 364 19.04 -7.62 -10.68
N ALA A 365 19.95 -7.07 -9.89
CA ALA A 365 21.18 -6.52 -10.43
C ALA A 365 22.29 -7.55 -10.53
N PHE A 366 22.12 -8.74 -9.96
CA PHE A 366 23.04 -9.85 -10.20
C PHE A 366 22.53 -10.78 -11.28
N GLN A 367 21.86 -10.24 -12.28
CA GLN A 367 21.30 -11.05 -13.35
C GLN A 367 22.28 -11.19 -14.51
N TYR A 368 23.50 -10.68 -14.37
CA TYR A 368 24.43 -10.65 -15.48
C TYR A 368 24.86 -12.05 -15.90
N LEU A 369 25.30 -12.87 -14.94
CA LEU A 369 25.99 -14.10 -15.32
C LEU A 369 25.06 -15.11 -15.94
N ILE A 370 23.75 -14.87 -15.91
CA ILE A 370 22.86 -15.67 -16.72
C ILE A 370 22.61 -15.03 -18.07
N ASN A 371 23.07 -13.79 -18.28
CA ASN A 371 22.94 -13.13 -19.57
C ASN A 371 24.25 -12.54 -20.06
N SER A 372 25.33 -12.69 -19.29
CA SER A 372 26.68 -12.40 -19.75
C SER A 372 27.40 -13.67 -20.22
N TRP A 373 26.65 -14.61 -20.79
CA TRP A 373 27.22 -15.78 -21.41
C TRP A 373 28.08 -15.45 -22.62
N THR A 374 27.96 -14.24 -23.16
CA THR A 374 28.68 -13.88 -24.38
C THR A 374 30.17 -14.13 -24.26
N THR A 375 30.73 -13.82 -23.10
CA THR A 375 32.16 -13.97 -22.88
C THR A 375 32.64 -15.41 -23.07
N LEU A 376 31.74 -16.34 -23.35
CA LEU A 376 32.13 -17.72 -23.51
C LEU A 376 31.98 -18.22 -24.94
N VAL A 377 31.41 -17.43 -25.84
CA VAL A 377 31.07 -17.91 -27.18
C VAL A 377 31.74 -17.07 -28.27
N GLU A 378 31.46 -15.77 -28.31
CA GLU A 378 31.95 -14.95 -29.40
C GLU A 378 33.16 -14.11 -29.04
N LEU A 379 33.14 -13.40 -27.90
CA LEU A 379 34.22 -12.48 -27.62
C LEU A 379 35.56 -13.20 -27.56
N MET A 380 35.60 -14.39 -26.98
CA MET A 380 36.83 -15.17 -27.03
C MET A 380 37.20 -15.49 -28.47
N SER A 381 36.21 -15.91 -29.26
CA SER A 381 36.48 -16.22 -30.65
C SER A 381 36.97 -15.00 -31.39
N ILE A 382 36.37 -13.84 -31.14
CA ILE A 382 36.77 -12.63 -31.86
C ILE A 382 38.19 -12.22 -31.46
N TYR A 383 38.50 -12.28 -30.16
CA TYR A 383 39.85 -11.93 -29.75
C TYR A 383 40.87 -12.87 -30.37
N LYS A 384 40.59 -14.16 -30.38
CA LYS A 384 41.57 -15.11 -30.92
C LYS A 384 41.73 -14.93 -32.43
N ARG A 385 40.61 -14.74 -33.13
CA ARG A 385 40.66 -14.52 -34.57
C ARG A 385 41.45 -13.27 -34.90
N LEU A 386 41.23 -12.19 -34.16
CA LEU A 386 41.82 -10.92 -34.51
C LEU A 386 43.26 -10.82 -34.05
N ARG A 387 43.65 -11.56 -33.01
CA ARG A 387 45.06 -11.63 -32.65
C ARG A 387 45.85 -12.50 -33.62
N SER A 388 45.28 -13.64 -34.02
CA SER A 388 45.97 -14.49 -35.00
C SER A 388 45.99 -13.85 -36.37
N PHE A 389 45.06 -12.94 -36.66
CA PHE A 389 45.11 -12.10 -37.86
C PHE A 389 46.14 -10.98 -37.74
N GLU A 390 47.01 -11.05 -36.73
CA GLU A 390 48.05 -10.06 -36.48
C GLU A 390 49.32 -10.82 -36.13
N HIS A 391 50.35 -10.67 -36.96
CA HIS A 391 51.55 -11.49 -36.83
C HIS A 391 52.28 -11.22 -35.52
N MET B 1 7.56 -19.57 -44.04
CA MET B 1 6.59 -19.49 -45.12
C MET B 1 7.13 -20.04 -46.42
N PHE B 2 7.90 -21.11 -46.35
CA PHE B 2 8.48 -21.65 -47.57
C PHE B 2 7.64 -22.81 -48.09
N LYS B 3 8.10 -23.39 -49.20
CA LYS B 3 7.41 -24.46 -49.87
C LYS B 3 7.81 -25.82 -49.33
N SER B 4 8.99 -25.93 -48.74
CA SER B 4 9.40 -27.22 -48.20
C SER B 4 8.59 -27.56 -46.96
N PHE B 5 8.38 -26.59 -46.08
CA PHE B 5 7.79 -26.82 -44.78
C PHE B 5 6.51 -25.99 -44.79
N PHE B 6 5.53 -26.28 -43.90
CA PHE B 6 4.23 -25.60 -44.01
C PHE B 6 3.52 -25.81 -45.33
N PRO B 7 2.79 -26.91 -45.49
CA PRO B 7 2.39 -27.42 -46.83
C PRO B 7 2.15 -26.41 -47.94
N LYS B 8 1.31 -25.42 -47.74
CA LYS B 8 1.10 -24.50 -48.84
C LYS B 8 1.00 -23.07 -48.35
N PRO B 9 2.02 -22.28 -48.55
CA PRO B 9 2.10 -21.00 -47.85
C PRO B 9 1.08 -20.00 -48.34
N GLY B 10 0.14 -20.49 -49.13
CA GLY B 10 -0.88 -19.64 -49.69
C GLY B 10 -2.13 -19.68 -48.84
N THR B 11 -3.11 -20.48 -49.25
CA THR B 11 -4.36 -20.53 -48.53
C THR B 11 -4.20 -20.97 -47.08
N PHE B 12 -3.03 -21.47 -46.71
CA PHE B 12 -2.87 -22.07 -45.38
C PHE B 12 -3.07 -21.06 -44.27
N PHE B 13 -2.43 -19.89 -44.38
CA PHE B 13 -2.49 -18.92 -43.28
C PHE B 13 -3.88 -18.31 -43.17
N LEU B 14 -4.55 -18.09 -44.30
CA LEU B 14 -5.95 -17.67 -44.26
C LEU B 14 -6.82 -18.74 -43.60
N SER B 15 -6.57 -20.01 -43.92
CA SER B 15 -7.36 -21.07 -43.30
C SER B 15 -7.16 -21.10 -41.80
N ALA B 16 -5.91 -21.04 -41.35
CA ALA B 16 -5.64 -21.04 -39.93
C ALA B 16 -6.33 -19.87 -39.25
N PHE B 17 -6.28 -18.69 -39.87
CA PHE B 17 -6.89 -17.51 -39.26
C PHE B 17 -8.39 -17.65 -39.14
N VAL B 18 -9.07 -18.05 -40.22
CA VAL B 18 -10.52 -18.09 -40.15
C VAL B 18 -10.98 -19.16 -39.17
N TRP B 19 -10.27 -20.29 -39.11
CA TRP B 19 -10.70 -21.33 -38.18
C TRP B 19 -10.47 -20.93 -36.74
N ALA B 20 -9.32 -20.30 -36.45
CA ALA B 20 -9.10 -19.85 -35.09
C ALA B 20 -10.19 -18.88 -34.65
N LEU B 21 -10.52 -17.91 -35.51
CA LEU B 21 -11.53 -16.92 -35.13
C LEU B 21 -12.91 -17.56 -34.94
N ILE B 22 -13.30 -18.46 -35.84
CA ILE B 22 -14.59 -19.10 -35.70
C ILE B 22 -14.68 -19.88 -34.39
N ALA B 23 -13.65 -20.65 -34.07
CA ALA B 23 -13.71 -21.44 -32.84
C ALA B 23 -13.76 -20.55 -31.60
N VAL B 24 -12.98 -19.47 -31.60
CA VAL B 24 -13.00 -18.57 -30.45
C VAL B 24 -14.38 -17.96 -30.26
N ILE B 25 -15.00 -17.51 -31.35
CA ILE B 25 -16.32 -16.90 -31.24
C ILE B 25 -17.35 -17.92 -30.73
N PHE B 26 -17.33 -19.15 -31.24
CA PHE B 26 -18.28 -20.13 -30.74
C PHE B 26 -18.10 -20.37 -29.26
N TRP B 27 -16.87 -20.48 -28.78
CA TRP B 27 -16.69 -20.80 -27.36
C TRP B 27 -17.03 -19.61 -26.47
N GLN B 28 -16.43 -18.44 -26.74
CA GLN B 28 -16.54 -17.32 -25.80
C GLN B 28 -17.97 -16.84 -25.60
N ALA B 29 -18.58 -16.28 -26.63
CA ALA B 29 -19.85 -15.60 -26.49
C ALA B 29 -21.04 -16.42 -26.93
N GLY B 30 -20.85 -17.36 -27.86
CA GLY B 30 -21.96 -18.16 -28.33
C GLY B 30 -22.47 -19.15 -27.32
N GLY B 31 -21.95 -19.11 -26.11
CA GLY B 31 -22.41 -20.02 -25.09
C GLY B 31 -22.11 -21.46 -25.40
N GLY B 32 -20.88 -21.73 -25.85
CA GLY B 32 -20.45 -23.12 -25.93
C GLY B 32 -20.39 -23.78 -24.58
N ASP B 33 -20.41 -22.98 -23.51
CA ASP B 33 -20.35 -23.48 -22.14
C ASP B 33 -21.56 -24.33 -21.78
N TRP B 34 -22.50 -24.51 -22.72
CA TRP B 34 -23.55 -25.48 -22.46
C TRP B 34 -23.02 -26.91 -22.55
N VAL B 35 -21.80 -27.10 -23.06
CA VAL B 35 -21.13 -28.38 -22.80
C VAL B 35 -20.96 -28.56 -21.30
N ALA B 36 -20.66 -27.47 -20.61
CA ALA B 36 -20.65 -27.47 -19.15
C ALA B 36 -22.00 -27.87 -18.57
N ARG B 37 -23.09 -27.68 -19.31
CA ARG B 37 -24.38 -28.18 -18.86
C ARG B 37 -24.52 -29.68 -19.06
N ILE B 38 -23.94 -30.23 -20.13
CA ILE B 38 -24.03 -31.67 -20.34
C ILE B 38 -23.37 -32.41 -19.18
N THR B 39 -22.18 -31.98 -18.79
CA THR B 39 -21.46 -32.58 -17.69
C THR B 39 -21.85 -31.89 -16.39
N GLY B 40 -21.23 -32.35 -15.30
CA GLY B 40 -21.46 -31.72 -14.02
C GLY B 40 -20.44 -30.63 -13.75
N ALA B 41 -20.37 -29.64 -14.62
CA ALA B 41 -19.41 -28.56 -14.45
C ALA B 41 -19.78 -27.76 -13.22
N SER B 42 -19.02 -27.98 -12.14
CA SER B 42 -19.30 -27.28 -10.88
C SER B 42 -19.15 -25.78 -11.05
N GLY B 43 -18.07 -25.35 -11.71
CA GLY B 43 -17.83 -23.94 -11.92
C GLY B 43 -17.08 -23.26 -10.79
N GLN B 44 -16.84 -23.95 -9.68
CA GLN B 44 -16.02 -23.41 -8.60
C GLN B 44 -14.63 -24.02 -8.68
N ILE B 45 -13.62 -23.17 -8.59
CA ILE B 45 -12.25 -23.52 -8.90
C ILE B 45 -11.41 -23.33 -7.64
N PRO B 46 -10.65 -24.34 -7.20
CA PRO B 46 -9.79 -24.15 -6.03
C PRO B 46 -8.63 -23.22 -6.30
N ILE B 47 -7.77 -23.00 -5.31
CA ILE B 47 -6.56 -22.21 -5.49
C ILE B 47 -5.30 -23.05 -5.42
N SER B 48 -5.38 -24.28 -4.92
CA SER B 48 -4.25 -25.17 -4.87
C SER B 48 -3.84 -25.61 -6.27
N ALA B 49 -2.81 -26.43 -6.37
CA ALA B 49 -2.41 -27.01 -7.64
C ALA B 49 -3.18 -28.27 -7.96
N ALA B 50 -4.35 -28.46 -7.35
CA ALA B 50 -5.38 -29.37 -7.83
C ALA B 50 -6.33 -28.68 -8.74
N ARG B 51 -5.94 -27.49 -9.18
CA ARG B 51 -6.76 -26.69 -10.06
C ARG B 51 -6.82 -27.28 -11.45
N PHE B 52 -5.73 -27.89 -11.91
CA PHE B 52 -5.55 -28.27 -13.29
C PHE B 52 -6.06 -29.67 -13.62
N TRP B 53 -6.91 -30.26 -12.80
CA TRP B 53 -7.62 -31.47 -13.23
C TRP B 53 -9.12 -31.43 -13.04
N SER B 54 -9.67 -30.41 -12.38
CA SER B 54 -11.11 -30.32 -12.26
C SER B 54 -11.76 -30.30 -13.64
N LEU B 55 -13.05 -30.64 -13.69
CA LEU B 55 -13.73 -30.82 -14.96
C LEU B 55 -13.73 -29.57 -15.81
N ASP B 56 -13.67 -28.39 -15.19
CA ASP B 56 -13.72 -27.17 -15.98
C ASP B 56 -12.53 -27.06 -16.93
N PHE B 57 -11.33 -27.46 -16.49
CA PHE B 57 -10.21 -27.46 -17.41
C PHE B 57 -10.23 -28.65 -18.34
N LEU B 58 -10.69 -29.79 -17.85
CA LEU B 58 -10.60 -31.01 -18.65
C LEU B 58 -11.49 -30.93 -19.88
N ILE B 59 -12.66 -30.30 -19.75
CA ILE B 59 -13.49 -30.09 -20.92
C ILE B 59 -12.72 -29.29 -21.97
N PHE B 60 -12.02 -28.25 -21.53
CA PHE B 60 -11.29 -27.42 -22.46
C PHE B 60 -10.19 -28.19 -23.17
N TYR B 61 -9.49 -29.06 -22.45
CA TYR B 61 -8.45 -29.85 -23.11
C TYR B 61 -9.05 -30.71 -24.21
N ALA B 62 -10.16 -31.39 -23.90
CA ALA B 62 -10.76 -32.24 -24.93
C ALA B 62 -11.23 -31.43 -26.13
N TYR B 63 -11.81 -30.26 -25.88
CA TYR B 63 -12.29 -29.40 -26.97
C TYR B 63 -11.15 -28.93 -27.86
N TYR B 64 -10.02 -28.56 -27.27
CA TYR B 64 -8.87 -28.15 -28.08
C TYR B 64 -8.37 -29.31 -28.94
N ILE B 65 -8.31 -30.51 -28.37
CA ILE B 65 -7.90 -31.65 -29.20
C ILE B 65 -8.84 -31.82 -30.39
N VAL B 66 -10.15 -31.71 -30.17
CA VAL B 66 -11.09 -31.92 -31.28
C VAL B 66 -10.86 -30.90 -32.38
N CYS B 67 -10.74 -29.62 -32.01
CA CYS B 67 -10.57 -28.61 -33.05
C CYS B 67 -9.30 -28.86 -33.86
N VAL B 68 -8.16 -29.03 -33.19
CA VAL B 68 -6.94 -29.18 -33.97
C VAL B 68 -6.98 -30.45 -34.80
N GLY B 69 -7.60 -31.50 -34.28
CA GLY B 69 -7.70 -32.73 -35.06
C GLY B 69 -8.45 -32.52 -36.35
N LEU B 70 -9.58 -31.81 -36.30
CA LEU B 70 -10.35 -31.59 -37.51
C LEU B 70 -9.56 -30.74 -38.51
N PHE B 71 -8.97 -29.65 -38.03
CA PHE B 71 -8.24 -28.77 -38.93
C PHE B 71 -7.01 -29.47 -39.51
N ALA B 72 -6.44 -30.43 -38.78
CA ALA B 72 -5.31 -31.16 -39.30
C ALA B 72 -5.74 -32.19 -40.34
N LEU B 73 -6.88 -32.83 -40.11
CA LEU B 73 -7.34 -33.84 -41.07
C LEU B 73 -7.62 -33.21 -42.42
N PHE B 74 -8.20 -32.01 -42.42
CA PHE B 74 -8.56 -31.42 -43.71
C PHE B 74 -7.34 -31.17 -44.58
N TRP B 75 -6.25 -30.67 -44.00
CA TRP B 75 -5.04 -30.45 -44.79
C TRP B 75 -4.22 -31.72 -44.97
N PHE B 76 -4.46 -32.76 -44.18
CA PHE B 76 -3.80 -34.03 -44.44
C PHE B 76 -4.42 -34.75 -45.63
N ILE B 77 -5.66 -34.41 -45.97
CA ILE B 77 -6.27 -35.05 -47.15
C ILE B 77 -6.40 -34.12 -48.35
N TYR B 78 -6.45 -32.81 -48.16
CA TYR B 78 -6.59 -31.90 -49.30
C TYR B 78 -5.33 -31.91 -50.16
N SER B 79 -4.16 -31.82 -49.54
CA SER B 79 -2.90 -31.82 -50.28
C SER B 79 -1.78 -32.25 -49.35
N PRO B 80 -1.17 -33.40 -49.59
CA PRO B 80 -0.17 -33.92 -48.66
C PRO B 80 1.14 -33.14 -48.72
N HIS B 81 2.06 -33.55 -47.85
CA HIS B 81 3.39 -32.96 -47.77
C HIS B 81 4.31 -33.94 -47.06
N ARG B 82 5.59 -33.58 -46.98
CA ARG B 82 6.60 -34.45 -46.37
C ARG B 82 6.77 -34.18 -44.89
N TRP B 83 6.83 -32.92 -44.50
CA TRP B 83 6.93 -32.53 -43.09
C TRP B 83 5.60 -32.04 -42.55
N GLN B 84 4.49 -32.69 -42.90
CA GLN B 84 3.19 -32.20 -42.44
C GLN B 84 3.05 -32.36 -40.94
N TYR B 85 3.53 -33.46 -40.38
CA TYR B 85 3.37 -33.70 -38.95
C TYR B 85 3.99 -32.58 -38.13
N TRP B 86 5.24 -32.24 -38.42
CA TRP B 86 5.87 -31.15 -37.71
C TRP B 86 5.12 -29.84 -37.99
N SER B 87 4.91 -29.53 -39.26
CA SER B 87 4.42 -28.21 -39.64
C SER B 87 3.04 -27.91 -39.08
N ILE B 88 2.22 -28.92 -38.85
CA ILE B 88 0.90 -28.71 -38.24
C ILE B 88 0.92 -28.94 -36.74
N LEU B 89 1.22 -30.17 -36.34
CA LEU B 89 1.05 -30.52 -34.94
C LEU B 89 2.07 -29.81 -34.06
N GLY B 90 3.32 -29.65 -34.51
CA GLY B 90 4.28 -28.94 -33.68
C GLY B 90 3.81 -27.55 -33.34
N THR B 91 3.28 -26.84 -34.33
CA THR B 91 2.83 -25.48 -34.08
C THR B 91 1.62 -25.47 -33.15
N ALA B 92 0.73 -26.44 -33.33
CA ALA B 92 -0.41 -26.55 -32.41
C ALA B 92 0.05 -26.69 -30.97
N LEU B 93 1.04 -27.55 -30.74
CA LEU B 93 1.47 -27.81 -29.37
C LEU B 93 2.19 -26.61 -28.79
N ILE B 94 2.95 -25.88 -29.61
CA ILE B 94 3.63 -24.70 -29.08
C ILE B 94 2.62 -23.67 -28.61
N ILE B 95 1.58 -23.42 -29.42
CA ILE B 95 0.54 -22.47 -29.00
C ILE B 95 -0.10 -22.92 -27.68
N PHE B 96 -0.42 -24.21 -27.59
CA PHE B 96 -1.08 -24.69 -26.38
C PHE B 96 -0.22 -24.48 -25.14
N VAL B 97 1.07 -24.80 -25.22
CA VAL B 97 1.91 -24.65 -24.03
C VAL B 97 2.02 -23.18 -23.64
N THR B 98 2.05 -22.27 -24.61
CA THR B 98 2.07 -20.85 -24.23
C THR B 98 0.81 -20.47 -23.45
N TRP B 99 -0.36 -20.95 -23.91
CA TRP B 99 -1.57 -20.67 -23.15
C TRP B 99 -1.48 -21.23 -21.74
N PHE B 100 -0.96 -22.44 -21.62
CA PHE B 100 -0.91 -23.06 -20.30
C PHE B 100 -0.07 -22.24 -19.33
N LEU B 101 1.09 -21.75 -19.78
CA LEU B 101 1.92 -20.97 -18.88
C LEU B 101 1.25 -19.66 -18.48
N VAL B 102 0.47 -19.07 -19.40
CA VAL B 102 -0.32 -17.91 -18.98
C VAL B 102 -1.27 -18.30 -17.84
N GLU B 103 -1.86 -19.48 -17.93
CA GLU B 103 -2.79 -19.87 -16.88
C GLU B 103 -2.07 -20.05 -15.54
N VAL B 104 -0.87 -20.59 -15.56
CA VAL B 104 -0.11 -20.68 -14.30
C VAL B 104 0.11 -19.30 -13.70
N GLY B 105 0.41 -18.32 -14.55
CA GLY B 105 0.53 -16.95 -14.04
C GLY B 105 -0.73 -16.48 -13.35
N VAL B 106 -1.89 -16.73 -13.96
CA VAL B 106 -3.15 -16.33 -13.32
C VAL B 106 -3.33 -17.03 -11.99
N ALA B 107 -2.92 -18.30 -11.89
CA ALA B 107 -3.10 -19.00 -10.63
C ALA B 107 -2.31 -18.36 -9.51
N VAL B 108 -1.04 -18.02 -9.77
CA VAL B 108 -0.26 -17.36 -8.72
C VAL B 108 -0.89 -16.02 -8.35
N ASN B 109 -1.37 -15.28 -9.34
CA ASN B 109 -2.02 -14.01 -9.03
C ASN B 109 -3.19 -14.23 -8.09
N ALA B 110 -4.03 -15.23 -8.37
CA ALA B 110 -5.16 -15.50 -7.49
C ALA B 110 -4.71 -15.95 -6.12
N TRP B 111 -3.50 -16.49 -6.00
CA TRP B 111 -3.00 -16.87 -4.69
C TRP B 111 -2.55 -15.67 -3.86
N TYR B 112 -2.13 -14.57 -4.50
CA TYR B 112 -1.58 -13.46 -3.70
C TYR B 112 -2.51 -12.93 -2.62
N ALA B 113 -3.82 -13.02 -2.77
CA ALA B 113 -4.67 -12.29 -1.82
C ALA B 113 -4.70 -12.89 -0.41
N PRO B 114 -5.04 -14.17 -0.23
CA PRO B 114 -5.13 -14.69 1.14
C PRO B 114 -3.85 -14.57 1.94
N PHE B 115 -2.69 -14.69 1.29
CA PHE B 115 -1.43 -14.59 2.01
C PHE B 115 -1.27 -13.22 2.65
N TYR B 116 -1.43 -12.16 1.88
CA TYR B 116 -1.21 -10.84 2.44
C TYR B 116 -2.32 -10.43 3.39
N ASP B 117 -3.54 -10.92 3.18
CA ASP B 117 -4.57 -10.68 4.18
C ASP B 117 -4.20 -11.34 5.51
N LEU B 118 -3.65 -12.55 5.45
CA LEU B 118 -3.21 -13.20 6.67
C LEU B 118 -2.09 -12.42 7.34
N ILE B 119 -1.16 -11.87 6.55
CA ILE B 119 -0.11 -11.06 7.14
C ILE B 119 -0.68 -9.82 7.82
N GLN B 120 -1.65 -9.15 7.19
CA GLN B 120 -2.22 -7.97 7.83
C GLN B 120 -2.87 -8.33 9.15
N THR B 121 -3.63 -9.42 9.18
CA THR B 121 -4.22 -9.85 10.44
C THR B 121 -3.16 -10.15 11.48
N ALA B 122 -2.07 -10.81 11.08
CA ALA B 122 -1.02 -11.16 12.03
C ALA B 122 -0.34 -9.92 12.60
N LEU B 123 -0.09 -8.94 11.76
CA LEU B 123 0.56 -7.72 12.24
C LEU B 123 -0.33 -6.97 13.21
N SER B 124 -1.62 -6.85 12.89
CA SER B 124 -2.46 -6.00 13.72
C SER B 124 -2.82 -6.62 15.06
N SER B 125 -2.59 -7.92 15.24
CA SER B 125 -2.99 -8.62 16.45
C SER B 125 -2.11 -9.85 16.66
N PRO B 126 -1.06 -9.74 17.48
CA PRO B 126 -0.16 -10.90 17.68
C PRO B 126 -0.85 -12.13 18.25
N HIS B 127 -2.13 -12.03 18.61
CA HIS B 127 -2.83 -13.06 19.35
C HIS B 127 -3.77 -13.90 18.50
N LYS B 128 -3.51 -14.05 17.19
CA LYS B 128 -4.41 -14.85 16.37
C LYS B 128 -3.76 -15.85 15.43
N VAL B 129 -2.48 -15.71 15.10
CA VAL B 129 -1.87 -16.58 14.09
C VAL B 129 -0.83 -17.48 14.73
N THR B 130 -0.53 -18.57 14.04
CA THR B 130 0.54 -19.49 14.44
C THR B 130 1.25 -19.99 13.19
N ILE B 131 2.52 -20.34 13.35
CA ILE B 131 3.44 -20.49 12.22
C ILE B 131 2.98 -21.55 11.23
N GLU B 132 2.19 -22.53 11.70
CA GLU B 132 1.74 -23.58 10.80
C GLU B 132 1.00 -23.02 9.60
N GLN B 133 0.19 -22.00 9.81
CA GLN B 133 -0.57 -21.44 8.70
C GLN B 133 0.35 -20.85 7.64
N PHE B 134 1.40 -20.14 8.07
CA PHE B 134 2.36 -19.62 7.10
C PHE B 134 3.05 -20.75 6.35
N TYR B 135 3.42 -21.81 7.06
CA TYR B 135 4.06 -22.92 6.36
C TYR B 135 3.14 -23.52 5.33
N ARG B 136 1.84 -23.62 5.64
CA ARG B 136 0.90 -24.15 4.65
C ARG B 136 0.78 -23.24 3.42
N GLU B 137 0.77 -21.92 3.63
CA GLU B 137 0.71 -21.02 2.48
C GLU B 137 1.88 -21.22 1.54
N VAL B 138 3.09 -21.22 2.09
CA VAL B 138 4.25 -21.48 1.24
C VAL B 138 4.13 -22.86 0.62
N GLY B 139 3.48 -23.80 1.30
CA GLY B 139 3.30 -25.12 0.72
C GLY B 139 2.52 -25.10 -0.58
N VAL B 140 1.39 -24.40 -0.60
CA VAL B 140 0.61 -24.40 -1.84
C VAL B 140 1.39 -23.68 -2.95
N PHE B 141 2.12 -22.62 -2.60
CA PHE B 141 2.85 -21.91 -3.65
C PHE B 141 3.89 -22.80 -4.30
N LEU B 142 4.64 -23.55 -3.50
CA LEU B 142 5.61 -24.45 -4.10
C LEU B 142 4.92 -25.56 -4.89
N GLY B 143 3.74 -25.98 -4.44
CA GLY B 143 3.00 -26.97 -5.20
C GLY B 143 2.76 -26.54 -6.64
N ILE B 144 2.40 -25.26 -6.84
CA ILE B 144 2.24 -24.77 -8.21
C ILE B 144 3.60 -24.62 -8.92
N ALA B 145 4.60 -24.05 -8.23
CA ALA B 145 5.84 -23.75 -8.91
C ALA B 145 6.50 -25.00 -9.49
N LEU B 146 6.29 -26.15 -8.87
CA LEU B 146 6.89 -27.37 -9.42
C LEU B 146 6.39 -27.65 -10.83
N ILE B 147 5.08 -27.52 -11.04
CA ILE B 147 4.52 -27.82 -12.35
C ILE B 147 4.97 -26.76 -13.36
N ALA B 148 5.10 -25.50 -12.92
CA ALA B 148 5.60 -24.48 -13.84
C ALA B 148 6.98 -24.81 -14.34
N VAL B 149 7.86 -25.27 -13.44
CA VAL B 149 9.24 -25.59 -13.83
C VAL B 149 9.28 -26.73 -14.83
N VAL B 150 8.55 -27.81 -14.56
CA VAL B 150 8.59 -28.95 -15.48
C VAL B 150 8.13 -28.54 -16.87
N ILE B 151 6.98 -27.86 -16.97
CA ILE B 151 6.48 -27.49 -18.29
C ILE B 151 7.46 -26.60 -19.01
N SER B 152 8.02 -25.60 -18.32
CA SER B 152 8.89 -24.67 -19.01
C SER B 152 10.10 -25.38 -19.62
N VAL B 153 10.71 -26.28 -18.86
CA VAL B 153 11.90 -26.97 -19.37
C VAL B 153 11.57 -27.79 -20.61
N LEU B 154 10.52 -28.62 -20.52
CA LEU B 154 10.21 -29.46 -21.68
C LEU B 154 9.88 -28.61 -22.90
N ASN B 155 9.21 -27.48 -22.69
CA ASN B 155 8.83 -26.63 -23.81
C ASN B 155 10.05 -26.07 -24.52
N ASN B 156 11.05 -25.62 -23.77
CA ASN B 156 12.25 -25.09 -24.43
C ASN B 156 12.92 -26.16 -25.29
N PHE B 157 13.04 -27.37 -24.75
CA PHE B 157 13.59 -28.48 -25.54
C PHE B 157 12.86 -28.62 -26.87
N PHE B 158 11.53 -28.71 -26.82
CA PHE B 158 10.77 -28.98 -28.04
C PHE B 158 10.88 -27.86 -29.06
N VAL B 159 10.80 -26.59 -28.63
CA VAL B 159 10.86 -25.50 -29.59
C VAL B 159 12.20 -25.48 -30.30
N SER B 160 13.29 -25.71 -29.56
CA SER B 160 14.59 -25.72 -30.23
C SER B 160 14.65 -26.82 -31.29
N HIS B 161 14.14 -28.02 -30.96
CA HIS B 161 14.17 -29.09 -31.97
C HIS B 161 13.35 -28.73 -33.21
N TYR B 162 12.15 -28.18 -33.01
CA TYR B 162 11.30 -27.83 -34.15
C TYR B 162 11.98 -26.81 -35.04
N VAL B 163 12.65 -25.81 -34.45
CA VAL B 163 13.37 -24.84 -35.27
C VAL B 163 14.44 -25.54 -36.09
N PHE B 164 15.16 -26.48 -35.50
CA PHE B 164 16.18 -27.17 -36.29
C PHE B 164 15.56 -27.93 -37.45
N ARG B 165 14.35 -28.48 -37.26
CA ARG B 165 13.72 -29.19 -38.37
C ARG B 165 13.33 -28.24 -39.50
N TRP B 166 12.89 -27.04 -39.17
CA TRP B 166 12.69 -26.04 -40.22
C TRP B 166 13.97 -25.79 -41.00
N ARG B 167 15.08 -25.61 -40.28
CA ARG B 167 16.35 -25.35 -40.95
C ARG B 167 16.71 -26.46 -41.90
N THR B 168 16.59 -27.72 -41.45
CA THR B 168 16.96 -28.81 -42.34
C THR B 168 16.02 -28.92 -43.53
N ALA B 169 14.75 -28.53 -43.37
CA ALA B 169 13.83 -28.58 -44.51
C ALA B 169 14.24 -27.61 -45.61
N MET B 170 14.47 -26.34 -45.26
CA MET B 170 14.83 -25.44 -46.34
C MET B 170 16.23 -25.72 -46.86
N ASN B 171 17.12 -26.28 -46.04
CA ASN B 171 18.43 -26.64 -46.58
C ASN B 171 18.31 -27.75 -47.60
N GLU B 172 17.46 -28.74 -47.33
CA GLU B 172 17.23 -29.79 -48.33
C GLU B 172 16.70 -29.20 -49.62
N TYR B 173 15.73 -28.29 -49.53
CA TYR B 173 15.16 -27.72 -50.74
C TYR B 173 16.21 -26.94 -51.54
N TYR B 174 17.03 -26.15 -50.87
CA TYR B 174 18.01 -25.32 -51.59
C TYR B 174 19.13 -26.17 -52.19
N MET B 175 19.53 -27.24 -51.51
CA MET B 175 20.61 -28.06 -52.06
C MET B 175 20.10 -29.05 -53.09
N ALA B 176 18.80 -29.28 -53.18
CA ALA B 176 18.31 -30.12 -54.27
C ALA B 176 18.49 -29.46 -55.63
N ASN B 177 18.49 -28.13 -55.68
CA ASN B 177 18.45 -27.40 -56.94
C ASN B 177 19.68 -26.52 -57.11
N TRP B 178 20.87 -27.07 -56.91
CA TRP B 178 22.06 -26.22 -56.79
C TRP B 178 22.54 -25.69 -58.13
N GLN B 179 22.44 -26.51 -59.18
CA GLN B 179 23.13 -26.18 -60.43
C GLN B 179 22.69 -24.84 -60.97
N GLN B 180 21.37 -24.61 -61.08
CA GLN B 180 20.88 -23.29 -61.43
C GLN B 180 21.25 -22.26 -60.37
N LEU B 181 21.20 -22.65 -59.11
CA LEU B 181 21.42 -21.74 -58.00
C LEU B 181 22.91 -21.51 -57.74
N ARG B 182 23.78 -22.29 -58.39
CA ARG B 182 25.20 -22.25 -58.09
C ARG B 182 25.83 -20.90 -58.43
N HIS B 183 25.45 -20.32 -59.55
CA HIS B 183 26.20 -19.22 -60.14
C HIS B 183 25.90 -17.86 -59.50
N ILE B 184 24.91 -17.78 -58.61
CA ILE B 184 24.65 -16.50 -57.95
C ILE B 184 25.75 -16.24 -56.94
N GLU B 185 26.34 -15.06 -57.01
CA GLU B 185 27.48 -14.74 -56.16
C GLU B 185 27.09 -14.76 -54.69
N GLY B 186 28.01 -15.23 -53.86
CA GLY B 186 27.77 -15.29 -52.43
C GLY B 186 26.65 -16.23 -52.04
N ALA B 187 26.54 -17.37 -52.72
CA ALA B 187 25.50 -18.32 -52.35
C ALA B 187 25.87 -19.08 -51.09
N ALA B 188 27.16 -19.32 -50.87
CA ALA B 188 27.58 -20.09 -49.71
C ALA B 188 27.19 -19.38 -48.43
N GLN B 189 27.41 -18.06 -48.36
CA GLN B 189 26.93 -17.28 -47.24
C GLN B 189 25.43 -17.50 -47.03
N ARG B 190 24.67 -17.46 -48.12
CA ARG B 190 23.22 -17.66 -48.01
C ARG B 190 22.90 -19.00 -47.36
N VAL B 191 23.23 -20.09 -48.05
CA VAL B 191 22.84 -21.43 -47.61
C VAL B 191 23.46 -21.81 -46.27
N GLN B 192 24.46 -21.07 -45.80
CA GLN B 192 25.06 -21.43 -44.52
C GLN B 192 24.60 -20.56 -43.35
N GLU B 193 24.21 -19.31 -43.57
CA GLU B 193 23.87 -18.46 -42.44
C GLU B 193 22.43 -17.98 -42.46
N ASP B 194 21.92 -17.65 -43.65
CA ASP B 194 20.64 -16.99 -43.72
C ASP B 194 19.52 -17.89 -43.23
N THR B 195 19.58 -19.19 -43.55
CA THR B 195 18.50 -20.09 -43.15
C THR B 195 18.34 -20.14 -41.64
N MET B 196 19.43 -20.38 -40.92
CA MET B 196 19.33 -20.50 -39.47
C MET B 196 18.92 -19.18 -38.83
N ARG B 197 19.51 -18.07 -39.26
CA ARG B 197 19.14 -16.79 -38.65
C ARG B 197 17.67 -16.51 -38.90
N PHE B 198 17.20 -16.82 -40.11
CA PHE B 198 15.80 -16.59 -40.47
C PHE B 198 14.87 -17.40 -39.56
N ALA B 199 15.11 -18.70 -39.46
CA ALA B 199 14.20 -19.55 -38.69
C ALA B 199 14.15 -19.10 -37.24
N SER B 200 15.30 -18.88 -36.62
CA SER B 200 15.30 -18.54 -35.20
C SER B 200 14.62 -17.21 -34.93
N THR B 201 14.93 -16.18 -35.73
CA THR B 201 14.31 -14.88 -35.47
C THR B 201 12.80 -14.95 -35.64
N LEU B 202 12.34 -15.66 -36.67
CA LEU B 202 10.90 -15.76 -36.89
C LEU B 202 10.21 -16.42 -35.70
N GLU B 203 10.74 -17.56 -35.26
CA GLU B 203 10.14 -18.25 -34.12
C GLU B 203 10.03 -17.31 -32.92
N ASN B 204 11.12 -16.64 -32.59
CA ASN B 204 11.13 -15.79 -31.40
C ASN B 204 10.06 -14.71 -31.49
N MET B 205 10.01 -13.99 -32.61
CA MET B 205 9.06 -12.89 -32.68
C MET B 205 7.62 -13.38 -32.63
N GLY B 206 7.33 -14.47 -33.34
CA GLY B 206 5.95 -14.95 -33.34
C GLY B 206 5.48 -15.34 -31.96
N VAL B 207 6.30 -16.11 -31.23
CA VAL B 207 5.88 -16.55 -29.90
C VAL B 207 5.72 -15.36 -28.96
N SER B 208 6.61 -14.37 -29.05
CA SER B 208 6.47 -13.21 -28.18
C SER B 208 5.14 -12.49 -28.43
N PHE B 209 4.77 -12.33 -29.70
CA PHE B 209 3.54 -11.59 -29.98
C PHE B 209 2.31 -12.34 -29.48
N ILE B 210 2.25 -13.65 -29.73
CA ILE B 210 1.08 -14.40 -29.26
C ILE B 210 1.02 -14.40 -27.75
N ASN B 211 2.17 -14.45 -27.08
CA ASN B 211 2.14 -14.37 -25.62
C ASN B 211 1.52 -13.06 -25.16
N ALA B 212 1.87 -11.95 -25.81
CA ALA B 212 1.31 -10.66 -25.41
C ALA B 212 -0.22 -10.66 -25.53
N ILE B 213 -0.74 -11.08 -26.69
CA ILE B 213 -2.18 -11.06 -26.88
C ILE B 213 -2.88 -11.97 -25.87
N MET B 214 -2.33 -13.15 -25.63
CA MET B 214 -2.98 -14.07 -24.71
C MET B 214 -2.98 -13.53 -23.29
N THR B 215 -1.93 -12.84 -22.88
CA THR B 215 -1.94 -12.24 -21.55
C THR B 215 -3.07 -11.23 -21.41
N LEU B 216 -3.24 -10.39 -22.41
CA LEU B 216 -4.31 -9.38 -22.33
C LEU B 216 -5.68 -10.04 -22.19
N ILE B 217 -5.97 -11.03 -23.04
CA ILE B 217 -7.28 -11.66 -22.97
C ILE B 217 -7.47 -12.38 -21.65
N ALA B 218 -6.40 -12.96 -21.11
CA ALA B 218 -6.55 -13.73 -19.88
C ALA B 218 -6.82 -12.84 -18.69
N PHE B 219 -6.26 -11.64 -18.66
CA PHE B 219 -6.42 -10.80 -17.47
C PHE B 219 -7.55 -9.78 -17.54
N LEU B 220 -8.22 -9.57 -18.67
CA LEU B 220 -9.33 -8.61 -18.60
C LEU B 220 -10.47 -9.03 -17.66
N PRO B 221 -11.02 -10.25 -17.72
CA PRO B 221 -12.15 -10.56 -16.84
C PRO B 221 -11.85 -10.47 -15.36
N VAL B 222 -10.62 -10.76 -14.91
CA VAL B 222 -10.31 -10.61 -13.50
C VAL B 222 -10.48 -9.16 -13.08
N LEU B 223 -9.96 -8.24 -13.89
CA LEU B 223 -10.14 -6.82 -13.60
C LEU B 223 -11.61 -6.45 -13.58
N VAL B 224 -12.41 -7.03 -14.47
CA VAL B 224 -13.84 -6.70 -14.44
C VAL B 224 -14.47 -7.19 -13.14
N THR B 225 -14.15 -8.41 -12.71
CA THR B 225 -14.81 -8.94 -11.52
C THR B 225 -14.25 -8.37 -10.23
N LEU B 226 -13.15 -7.65 -10.29
CA LEU B 226 -12.54 -7.08 -9.11
C LEU B 226 -12.71 -5.57 -9.02
N SER B 227 -13.15 -4.93 -10.09
CA SER B 227 -13.44 -3.50 -10.09
C SER B 227 -14.72 -3.16 -9.41
N ALA B 228 -15.37 -4.07 -8.71
CA ALA B 228 -16.53 -3.70 -7.93
C ALA B 228 -16.17 -3.00 -6.63
N HIS B 229 -14.89 -2.97 -6.28
CA HIS B 229 -14.43 -2.35 -5.06
C HIS B 229 -13.87 -0.95 -5.25
N VAL B 230 -13.56 -0.54 -6.46
CA VAL B 230 -12.94 0.75 -6.68
C VAL B 230 -13.88 1.61 -7.52
N PRO B 231 -14.87 2.27 -6.91
CA PRO B 231 -15.81 3.05 -7.71
C PRO B 231 -15.22 4.34 -8.23
N GLU B 232 -14.52 5.11 -7.41
CA GLU B 232 -14.14 6.47 -7.75
C GLU B 232 -12.65 6.59 -7.98
N LEU B 233 -12.27 7.03 -9.18
CA LEU B 233 -10.89 7.34 -9.52
C LEU B 233 -10.57 8.76 -9.04
N PRO B 234 -9.29 9.07 -8.84
CA PRO B 234 -8.95 10.28 -8.05
C PRO B 234 -9.44 11.60 -8.66
N ILE B 235 -9.07 11.91 -9.90
CA ILE B 235 -9.33 13.24 -10.44
C ILE B 235 -10.63 13.29 -11.24
N ILE B 236 -10.83 12.36 -12.19
CA ILE B 236 -12.03 12.44 -13.01
C ILE B 236 -13.27 12.22 -12.16
N GLY B 237 -13.18 11.36 -11.15
CA GLY B 237 -14.32 11.14 -10.29
C GLY B 237 -14.83 9.72 -10.30
N HIS B 238 -16.06 9.53 -10.77
CA HIS B 238 -16.70 8.23 -10.78
C HIS B 238 -16.95 7.80 -12.22
N ILE B 239 -16.44 6.63 -12.57
CA ILE B 239 -16.59 6.07 -13.92
C ILE B 239 -17.08 4.63 -13.76
N PRO B 240 -18.01 4.15 -14.59
CA PRO B 240 -18.54 2.80 -14.37
C PRO B 240 -17.50 1.70 -14.37
N TYR B 241 -16.47 1.82 -15.19
CA TYR B 241 -15.43 0.80 -15.35
C TYR B 241 -14.05 1.43 -15.22
N GLY B 242 -13.79 2.07 -14.09
CA GLY B 242 -12.55 2.82 -13.96
C GLY B 242 -11.31 1.98 -14.21
N LEU B 243 -11.22 0.82 -13.56
CA LEU B 243 -9.98 0.06 -13.65
C LEU B 243 -9.72 -0.45 -15.05
N VAL B 244 -10.72 -1.08 -15.69
CA VAL B 244 -10.45 -1.69 -16.99
C VAL B 244 -10.07 -0.63 -18.02
N ILE B 245 -10.79 0.50 -18.01
CA ILE B 245 -10.47 1.58 -18.94
C ILE B 245 -9.08 2.12 -18.67
N ALA B 246 -8.74 2.35 -17.40
CA ALA B 246 -7.43 2.90 -17.09
C ALA B 246 -6.32 1.94 -17.48
N ALA B 247 -6.50 0.65 -17.21
CA ALA B 247 -5.47 -0.34 -17.55
C ALA B 247 -5.24 -0.39 -19.05
N ILE B 248 -6.33 -0.52 -19.82
CA ILE B 248 -6.18 -0.62 -21.27
C ILE B 248 -5.55 0.64 -21.83
N VAL B 249 -6.02 1.81 -21.39
CA VAL B 249 -5.46 3.04 -21.93
C VAL B 249 -3.98 3.12 -21.62
N TRP B 250 -3.59 2.90 -20.36
CA TRP B 250 -2.19 3.03 -20.00
C TRP B 250 -1.33 2.09 -20.83
N SER B 251 -1.68 0.80 -20.86
CA SER B 251 -0.83 -0.16 -21.56
C SER B 251 -0.74 0.14 -23.06
N LEU B 252 -1.89 0.26 -23.73
CA LEU B 252 -1.86 0.32 -25.19
C LEU B 252 -1.41 1.68 -25.68
N MET B 253 -1.78 2.78 -25.02
CA MET B 253 -1.21 4.06 -25.40
C MET B 253 0.26 4.14 -25.05
N GLY B 254 0.69 3.53 -23.96
CA GLY B 254 2.12 3.51 -23.69
C GLY B 254 2.88 2.91 -24.84
N THR B 255 2.52 1.70 -25.26
CA THR B 255 3.24 1.08 -26.37
C THR B 255 3.07 1.84 -27.67
N GLY B 256 1.84 2.22 -28.02
CA GLY B 256 1.61 2.88 -29.29
C GLY B 256 2.37 4.19 -29.39
N LEU B 257 2.28 5.03 -28.37
CA LEU B 257 2.99 6.30 -28.38
C LEU B 257 4.49 6.11 -28.29
N LEU B 258 4.95 5.04 -27.65
CA LEU B 258 6.39 4.82 -27.55
C LEU B 258 6.97 4.36 -28.87
N ALA B 259 6.18 3.70 -29.71
CA ALA B 259 6.65 3.22 -31.01
C ALA B 259 6.20 4.10 -32.16
N VAL B 260 5.71 5.32 -31.88
CA VAL B 260 5.55 6.32 -32.91
C VAL B 260 6.54 7.46 -32.74
N VAL B 261 7.05 7.69 -31.53
CA VAL B 261 8.09 8.68 -31.35
C VAL B 261 9.41 8.17 -31.91
N GLY B 262 9.56 6.88 -32.07
CA GLY B 262 10.78 6.29 -32.57
C GLY B 262 10.59 5.65 -33.92
N ILE B 263 9.92 6.34 -34.84
CA ILE B 263 9.63 5.75 -36.14
C ILE B 263 10.74 5.92 -37.15
N LYS B 264 11.56 6.97 -37.04
CA LYS B 264 12.57 7.21 -38.06
C LYS B 264 13.66 6.17 -38.04
N LEU B 265 13.83 5.45 -36.92
CA LEU B 265 15.05 4.68 -36.72
C LEU B 265 15.34 3.61 -37.76
N PRO B 266 14.40 2.78 -38.21
CA PRO B 266 14.78 1.76 -39.19
C PRO B 266 15.35 2.31 -40.48
N GLY B 267 14.91 3.48 -40.94
CA GLY B 267 15.52 4.07 -42.12
C GLY B 267 17.00 4.36 -41.93
N LEU B 268 17.35 4.94 -40.77
CA LEU B 268 18.73 5.22 -40.47
C LEU B 268 19.54 3.93 -40.37
N GLU B 269 18.97 2.90 -39.76
CA GLU B 269 19.67 1.64 -39.66
C GLU B 269 19.97 1.06 -41.03
N PHE B 270 19.00 1.12 -41.94
CA PHE B 270 19.24 0.61 -43.29
C PHE B 270 20.32 1.41 -44.01
N LYS B 271 20.30 2.73 -43.87
CA LYS B 271 21.32 3.51 -44.54
C LYS B 271 22.70 3.13 -44.03
N ASN B 272 22.84 2.95 -42.71
CA ASN B 272 24.13 2.54 -42.16
C ASN B 272 24.55 1.20 -42.71
N GLN B 273 23.61 0.27 -42.88
CA GLN B 273 23.96 -1.02 -43.46
C GLN B 273 24.50 -0.84 -44.86
N ARG B 274 23.88 0.03 -45.65
CA ARG B 274 24.34 0.22 -47.02
C ARG B 274 25.76 0.77 -47.06
N VAL B 275 26.04 1.79 -46.26
CA VAL B 275 27.37 2.41 -46.34
C VAL B 275 28.45 1.47 -45.80
N GLU B 276 28.12 0.69 -44.77
CA GLU B 276 29.06 -0.33 -44.30
C GLU B 276 29.38 -1.32 -45.42
N ALA B 277 28.35 -1.79 -46.12
CA ALA B 277 28.60 -2.77 -47.18
C ALA B 277 29.46 -2.18 -48.29
N ALA B 278 29.24 -0.91 -48.63
CA ALA B 278 30.06 -0.29 -49.68
C ALA B 278 31.53 -0.23 -49.27
N TYR B 279 31.80 0.20 -48.03
CA TYR B 279 33.19 0.23 -47.57
C TYR B 279 33.82 -1.16 -47.61
N ARG B 280 33.08 -2.17 -47.14
CA ARG B 280 33.57 -3.54 -47.16
C ARG B 280 33.92 -4.01 -48.57
N LYS B 281 33.00 -3.80 -49.51
CA LYS B 281 33.20 -4.30 -50.87
C LYS B 281 34.40 -3.61 -51.51
N GLU B 282 34.54 -2.30 -51.31
CA GLU B 282 35.76 -1.64 -51.76
C GLU B 282 36.99 -2.27 -51.16
N LEU B 283 36.95 -2.64 -49.89
CA LEU B 283 38.16 -3.17 -49.29
C LEU B 283 38.48 -4.56 -49.82
N VAL B 284 37.49 -5.32 -50.29
CA VAL B 284 37.79 -6.65 -50.80
C VAL B 284 38.71 -6.57 -52.02
N TYR B 285 38.43 -5.64 -52.94
CA TYR B 285 39.21 -5.57 -54.17
C TYR B 285 40.70 -5.34 -53.88
N GLY B 286 41.01 -4.46 -52.94
CA GLY B 286 42.40 -4.17 -52.67
C GLY B 286 43.14 -5.28 -51.99
N GLU B 287 42.47 -6.39 -51.68
CA GLU B 287 43.11 -7.51 -51.03
C GLU B 287 43.95 -8.35 -51.96
N ASP B 288 43.42 -8.67 -53.13
CA ASP B 288 43.90 -9.79 -53.92
C ASP B 288 44.85 -9.39 -55.04
N ASP B 289 44.83 -8.14 -55.47
CA ASP B 289 45.44 -7.74 -56.73
C ASP B 289 46.14 -6.40 -56.51
N ALA B 290 46.40 -5.68 -57.60
CA ALA B 290 47.25 -4.49 -57.58
C ALA B 290 46.71 -3.43 -56.64
N THR B 291 47.44 -2.32 -56.51
CA THR B 291 47.40 -1.46 -55.33
C THR B 291 45.99 -1.27 -54.77
N ARG B 292 45.10 -0.64 -55.53
CA ARG B 292 43.69 -0.52 -55.17
C ARG B 292 43.51 0.00 -53.74
N ALA B 293 44.56 0.58 -53.17
CA ALA B 293 44.52 1.10 -51.81
C ALA B 293 43.93 2.49 -51.78
N THR B 294 44.58 3.44 -52.46
CA THR B 294 44.07 4.79 -52.68
C THR B 294 43.67 5.46 -51.37
N PRO B 295 44.65 5.92 -50.60
CA PRO B 295 44.36 6.51 -49.29
C PRO B 295 43.33 7.63 -49.37
N PRO B 296 43.33 8.48 -50.40
CA PRO B 296 42.21 9.44 -50.52
C PRO B 296 40.86 8.74 -50.59
N THR B 297 40.79 7.63 -51.32
CA THR B 297 39.52 6.92 -51.43
C THR B 297 39.11 6.31 -50.11
N VAL B 298 40.06 5.72 -49.37
CA VAL B 298 39.69 5.14 -48.09
C VAL B 298 39.26 6.22 -47.11
N ARG B 299 39.90 7.39 -47.16
CA ARG B 299 39.47 8.48 -46.30
C ARG B 299 38.05 8.94 -46.62
N GLU B 300 37.73 9.06 -47.91
CA GLU B 300 36.38 9.44 -48.29
C GLU B 300 35.37 8.41 -47.80
N LEU B 301 35.66 7.13 -48.01
CA LEU B 301 34.75 6.08 -47.58
C LEU B 301 34.56 6.11 -46.07
N PHE B 302 35.63 6.30 -45.31
CA PHE B 302 35.46 6.29 -43.87
C PHE B 302 34.67 7.50 -43.40
N SER B 303 34.92 8.69 -43.97
CA SER B 303 34.12 9.83 -43.54
C SER B 303 32.66 9.60 -43.83
N ALA B 304 32.34 8.94 -44.95
CA ALA B 304 30.94 8.60 -45.21
C ALA B 304 30.42 7.58 -44.21
N VAL B 305 31.28 6.66 -43.75
CA VAL B 305 30.85 5.71 -42.73
C VAL B 305 30.60 6.41 -41.41
N ARG B 306 31.29 7.52 -41.18
CA ARG B 306 31.22 8.20 -39.90
C ARG B 306 30.02 9.13 -39.83
N LYS B 307 30.00 10.16 -40.68
CA LYS B 307 29.00 11.22 -40.60
C LYS B 307 27.60 10.65 -40.59
N ASN B 308 27.41 9.55 -41.28
CA ASN B 308 26.14 8.86 -41.35
C ASN B 308 25.98 7.83 -40.24
N TYR B 309 26.86 7.84 -39.26
CA TYR B 309 26.82 6.88 -38.16
C TYR B 309 26.71 7.61 -36.84
N PHE B 310 26.86 8.94 -36.85
CA PHE B 310 26.58 9.79 -35.71
C PHE B 310 25.10 10.16 -35.65
N ARG B 311 24.46 10.36 -36.80
CA ARG B 311 23.06 10.75 -36.81
C ARG B 311 22.19 9.71 -36.13
N LEU B 312 22.68 8.48 -36.03
CA LEU B 312 21.90 7.47 -35.33
C LEU B 312 22.01 7.65 -33.82
N TYR B 313 23.14 8.16 -33.33
CA TYR B 313 23.31 8.40 -31.90
C TYR B 313 22.64 9.67 -31.44
N PHE B 314 22.12 10.48 -32.35
CA PHE B 314 21.47 11.73 -31.99
C PHE B 314 19.96 11.67 -32.13
N HIS B 315 19.44 11.05 -33.20
CA HIS B 315 18.01 10.79 -33.29
C HIS B 315 17.73 9.57 -32.46
N TYR B 316 18.32 9.48 -31.28
CA TYR B 316 18.06 8.33 -30.45
C TYR B 316 17.98 8.72 -28.99
N MET B 317 18.35 9.96 -28.63
CA MET B 317 17.95 10.50 -27.34
C MET B 317 16.44 10.68 -27.26
N TYR B 318 15.81 11.12 -28.36
CA TYR B 318 14.37 11.32 -28.34
C TYR B 318 13.66 10.07 -27.92
N PHE B 319 14.20 8.92 -28.26
CA PHE B 319 13.55 7.66 -27.95
C PHE B 319 13.92 7.12 -26.58
N ASN B 320 14.96 7.62 -25.93
CA ASN B 320 15.24 7.16 -24.57
C ASN B 320 14.63 8.03 -23.48
N ILE B 321 14.44 9.32 -23.69
CA ILE B 321 13.76 10.10 -22.67
C ILE B 321 12.35 9.57 -22.47
N ALA B 322 11.64 9.31 -23.56
CA ALA B 322 10.27 8.83 -23.47
C ALA B 322 10.22 7.48 -22.79
N ARG B 323 11.09 6.57 -23.19
CA ARG B 323 11.03 5.23 -22.62
C ARG B 323 11.29 5.25 -21.12
N ILE B 324 12.31 6.00 -20.68
CA ILE B 324 12.63 6.01 -19.26
C ILE B 324 11.54 6.70 -18.46
N LEU B 325 10.97 7.79 -18.99
CA LEU B 325 9.85 8.41 -18.28
C LEU B 325 8.73 7.41 -18.08
N TYR B 326 8.35 6.71 -19.15
CA TYR B 326 7.24 5.77 -19.03
C TYR B 326 7.57 4.70 -18.01
N LEU B 327 8.76 4.13 -18.12
CA LEU B 327 9.13 3.02 -17.25
C LEU B 327 9.28 3.43 -15.80
N GLN B 328 9.59 4.68 -15.51
CA GLN B 328 9.78 5.09 -14.12
C GLN B 328 8.49 5.60 -13.49
N VAL B 329 7.61 6.20 -14.27
CA VAL B 329 6.28 6.52 -13.77
C VAL B 329 5.48 5.26 -13.51
N ASP B 330 5.67 4.22 -14.31
CA ASP B 330 4.87 3.02 -14.16
C ASP B 330 5.00 2.38 -12.79
N ASN B 331 6.11 2.59 -12.09
CA ASN B 331 6.28 1.93 -10.80
C ASN B 331 5.25 2.39 -9.78
N VAL B 332 4.73 3.61 -9.91
CA VAL B 332 3.80 4.16 -8.93
C VAL B 332 2.47 4.54 -9.56
N PHE B 333 2.33 4.48 -10.88
CA PHE B 333 1.01 4.70 -11.45
C PHE B 333 0.03 3.61 -11.05
N GLY B 334 0.50 2.38 -10.87
CA GLY B 334 -0.42 1.32 -10.45
C GLY B 334 -1.03 1.59 -9.10
N LEU B 335 -0.27 2.19 -8.20
CA LEU B 335 -0.72 2.50 -6.85
C LEU B 335 -1.25 3.91 -6.71
N PHE B 336 -1.16 4.73 -7.74
CA PHE B 336 -1.74 6.07 -7.65
C PHE B 336 -3.24 6.06 -7.82
N LEU B 337 -3.81 5.01 -8.39
CA LEU B 337 -5.25 4.99 -8.60
C LEU B 337 -6.02 4.57 -7.37
N LEU B 338 -5.35 4.18 -6.29
CA LEU B 338 -6.02 3.68 -5.12
C LEU B 338 -5.78 4.56 -3.90
N PHE B 339 -5.71 5.85 -4.08
CA PHE B 339 -5.65 6.69 -2.89
C PHE B 339 -7.04 6.92 -2.31
N PRO B 340 -8.01 7.43 -3.08
CA PRO B 340 -9.34 7.61 -2.50
C PRO B 340 -9.99 6.32 -2.06
N SER B 341 -9.75 5.21 -2.74
CA SER B 341 -10.36 3.97 -2.30
C SER B 341 -9.75 3.47 -1.00
N ILE B 342 -8.44 3.59 -0.82
CA ILE B 342 -7.85 3.24 0.47
C ILE B 342 -8.45 4.10 1.57
N VAL B 343 -8.56 5.40 1.32
CA VAL B 343 -9.09 6.29 2.35
C VAL B 343 -10.52 5.88 2.70
N ALA B 344 -11.34 5.58 1.71
CA ALA B 344 -12.70 5.13 1.97
C ALA B 344 -12.78 3.74 2.57
N GLY B 345 -11.66 3.04 2.68
CA GLY B 345 -11.59 1.80 3.43
C GLY B 345 -12.42 0.66 2.89
N THR B 346 -12.45 0.46 1.58
CA THR B 346 -13.13 -0.68 0.99
C THR B 346 -12.16 -1.77 0.59
N ILE B 347 -10.98 -1.41 0.11
CA ILE B 347 -9.97 -2.38 -0.30
C ILE B 347 -9.00 -2.59 0.85
N THR B 348 -8.62 -3.85 1.06
CA THR B 348 -7.74 -4.23 2.16
C THR B 348 -6.44 -4.76 1.61
N LEU B 349 -5.42 -4.83 2.47
CA LEU B 349 -4.10 -5.24 2.02
C LEU B 349 -4.20 -6.68 1.59
N GLY B 350 -4.23 -6.91 0.28
CA GLY B 350 -4.48 -8.23 -0.22
C GLY B 350 -5.41 -8.18 -1.41
N LEU B 351 -6.24 -7.15 -1.47
CA LEU B 351 -6.90 -6.74 -2.71
C LEU B 351 -6.15 -5.62 -3.40
N MET B 352 -5.26 -4.94 -2.68
CA MET B 352 -4.36 -3.99 -3.32
C MET B 352 -3.25 -4.71 -4.07
N THR B 353 -2.74 -5.80 -3.49
CA THR B 353 -1.63 -6.48 -4.11
C THR B 353 -2.04 -7.22 -5.37
N GLN B 354 -3.27 -7.76 -5.40
CA GLN B 354 -3.76 -8.36 -6.64
C GLN B 354 -3.71 -7.35 -7.77
N ILE B 355 -4.16 -6.13 -7.52
CA ILE B 355 -4.21 -5.12 -8.57
C ILE B 355 -2.80 -4.70 -8.98
N THR B 356 -1.95 -4.45 -8.00
CA THR B 356 -0.58 -4.09 -8.33
C THR B 356 0.08 -5.16 -9.18
N ASN B 357 -0.14 -6.42 -8.84
CA ASN B 357 0.47 -7.51 -9.59
C ASN B 357 -0.15 -7.68 -10.97
N VAL B 358 -1.46 -7.46 -11.11
CA VAL B 358 -2.07 -7.50 -12.44
C VAL B 358 -1.39 -6.49 -13.35
N PHE B 359 -1.27 -5.25 -12.88
CA PHE B 359 -0.64 -4.23 -13.70
C PHE B 359 0.82 -4.57 -13.99
N GLY B 360 1.54 -5.09 -12.99
CA GLY B 360 2.94 -5.42 -13.19
C GLY B 360 3.17 -6.55 -14.17
N GLN B 361 2.32 -7.59 -14.12
CA GLN B 361 2.45 -8.69 -15.06
C GLN B 361 2.07 -8.28 -16.47
N VAL B 362 1.01 -7.48 -16.63
CA VAL B 362 0.71 -6.99 -17.97
C VAL B 362 1.86 -6.17 -18.51
N ARG B 363 2.47 -5.32 -17.67
CA ARG B 363 3.60 -4.52 -18.14
C ARG B 363 4.81 -5.39 -18.47
N GLY B 364 5.08 -6.41 -17.65
CA GLY B 364 6.22 -7.27 -17.88
C GLY B 364 6.03 -8.22 -19.04
N ALA B 365 4.79 -8.43 -19.47
CA ALA B 365 4.53 -9.19 -20.68
C ALA B 365 4.33 -8.31 -21.91
N PHE B 366 4.22 -6.99 -21.75
CA PHE B 366 4.16 -6.06 -22.87
C PHE B 366 5.49 -5.34 -23.09
N GLN B 367 6.60 -5.99 -22.79
CA GLN B 367 7.93 -5.42 -22.95
C GLN B 367 8.56 -5.73 -24.30
N TYR B 368 7.88 -6.50 -25.15
CA TYR B 368 8.53 -7.03 -26.34
C TYR B 368 8.95 -5.93 -27.30
N LEU B 369 8.11 -4.92 -27.49
CA LEU B 369 8.40 -3.97 -28.55
C LEU B 369 9.63 -3.11 -28.25
N ILE B 370 10.09 -3.05 -27.00
CA ILE B 370 11.39 -2.42 -26.77
C ILE B 370 12.53 -3.34 -27.19
N ASN B 371 12.27 -4.64 -27.27
CA ASN B 371 13.25 -5.61 -27.74
C ASN B 371 12.91 -6.13 -29.13
N SER B 372 11.96 -5.50 -29.81
CA SER B 372 11.54 -5.89 -31.14
C SER B 372 12.23 -5.08 -32.23
N TRP B 373 13.33 -4.41 -31.92
CA TRP B 373 14.05 -3.73 -32.98
C TRP B 373 14.72 -4.71 -33.93
N THR B 374 15.10 -5.89 -33.44
CA THR B 374 15.70 -6.89 -34.31
C THR B 374 14.82 -7.18 -35.52
N THR B 375 13.53 -7.40 -35.30
CA THR B 375 12.66 -7.77 -36.41
C THR B 375 12.44 -6.60 -37.35
N LEU B 376 12.75 -5.38 -36.93
CA LEU B 376 12.70 -4.26 -37.86
C LEU B 376 14.06 -3.92 -38.44
N VAL B 377 15.09 -4.70 -38.17
CA VAL B 377 16.42 -4.37 -38.65
C VAL B 377 17.00 -5.52 -39.46
N GLU B 378 17.16 -6.68 -38.83
CA GLU B 378 17.82 -7.81 -39.46
C GLU B 378 16.87 -8.75 -40.19
N LEU B 379 15.63 -8.87 -39.75
CA LEU B 379 14.77 -9.86 -40.41
C LEU B 379 14.39 -9.39 -41.82
N MET B 380 14.05 -8.12 -42.00
CA MET B 380 13.71 -7.70 -43.36
C MET B 380 14.93 -7.76 -44.26
N SER B 381 16.11 -7.45 -43.73
CA SER B 381 17.32 -7.57 -44.56
C SER B 381 17.52 -9.00 -45.00
N ILE B 382 17.32 -9.96 -44.09
CA ILE B 382 17.48 -11.37 -44.44
C ILE B 382 16.41 -11.80 -45.44
N TYR B 383 15.17 -11.39 -45.25
CA TYR B 383 14.13 -11.81 -46.16
C TYR B 383 14.38 -11.25 -47.56
N LYS B 384 14.72 -9.97 -47.66
CA LYS B 384 14.97 -9.38 -48.96
C LYS B 384 16.18 -10.02 -49.63
N ARG B 385 17.25 -10.26 -48.87
CA ARG B 385 18.43 -10.91 -49.41
C ARG B 385 18.13 -12.32 -49.91
N LEU B 386 17.37 -13.08 -49.14
CA LEU B 386 17.20 -14.49 -49.44
C LEU B 386 16.12 -14.72 -50.49
N ARG B 387 15.14 -13.83 -50.60
CA ARG B 387 14.21 -13.90 -51.72
C ARG B 387 14.86 -13.40 -53.00
N SER B 388 15.60 -12.31 -52.94
CA SER B 388 16.34 -11.84 -54.10
C SER B 388 17.36 -12.85 -54.56
N PHE B 389 17.79 -13.74 -53.67
CA PHE B 389 18.67 -14.84 -54.01
C PHE B 389 17.91 -16.03 -54.59
N GLU B 390 16.70 -15.80 -55.09
CA GLU B 390 15.94 -16.80 -55.83
C GLU B 390 15.44 -16.18 -57.11
N HIS B 391 15.69 -16.84 -58.24
CA HIS B 391 15.27 -16.37 -59.55
C HIS B 391 13.79 -16.01 -59.60
N LEU C 1 -28.52 17.10 12.72
CA LEU C 1 -28.41 15.66 12.88
C LEU C 1 -29.32 15.22 13.98
N LYS C 2 -29.68 13.94 14.01
CA LYS C 2 -30.51 13.44 15.08
C LYS C 2 -30.12 12.00 15.37
N LEU C 3 -29.81 11.72 16.63
CA LEU C 3 -29.63 10.37 17.11
C LEU C 3 -30.69 10.14 18.19
N LEU C 4 -31.40 9.04 18.10
CA LEU C 4 -32.51 8.77 19.00
C LEU C 4 -32.23 7.47 19.75
N ASP C 5 -31.68 7.59 20.95
CA ASP C 5 -31.44 6.42 21.78
C ASP C 5 -32.75 5.81 22.22
N SER C 6 -32.70 4.54 22.64
CA SER C 6 -33.87 3.83 23.11
C SER C 6 -34.38 4.43 24.42
N GLY C 7 -35.39 3.78 24.99
CA GLY C 7 -35.92 4.21 26.27
C GLY C 7 -35.25 3.54 27.45
N ALA C 8 -35.63 4.00 28.65
CA ALA C 8 -35.11 3.43 29.89
C ALA C 8 -35.43 1.95 29.95
N GLU C 9 -34.74 1.23 30.83
CA GLU C 9 -34.91 -0.22 30.84
C GLU C 9 -34.39 -0.83 32.13
N LEU C 10 -35.28 -1.50 32.85
CA LEU C 10 -34.94 -2.26 34.04
C LEU C 10 -34.85 -3.74 33.69
N VAL C 11 -33.92 -4.42 34.34
CA VAL C 11 -33.54 -5.78 33.99
C VAL C 11 -33.30 -6.55 35.27
N LYS C 12 -33.21 -7.88 35.15
CA LYS C 12 -33.01 -8.83 36.25
C LYS C 12 -31.57 -9.33 36.28
N PRO C 13 -30.95 -9.42 37.46
CA PRO C 13 -29.51 -9.78 37.53
C PRO C 13 -29.17 -11.07 36.83
N GLY C 14 -28.16 -11.04 35.98
CA GLY C 14 -27.72 -12.21 35.23
C GLY C 14 -28.18 -12.25 33.79
N ALA C 15 -29.18 -11.46 33.43
CA ALA C 15 -29.72 -11.48 32.07
C ALA C 15 -28.86 -10.60 31.17
N SER C 16 -29.30 -10.39 29.94
CA SER C 16 -28.59 -9.56 28.98
C SER C 16 -29.57 -8.61 28.32
N VAL C 17 -29.04 -7.55 27.72
CA VAL C 17 -29.84 -6.45 27.20
C VAL C 17 -29.27 -6.02 25.86
N LYS C 18 -30.13 -5.54 24.96
CA LYS C 18 -29.70 -5.03 23.66
C LYS C 18 -30.22 -3.62 23.44
N LEU C 19 -29.32 -2.71 23.06
CA LEU C 19 -29.61 -1.28 22.96
C LEU C 19 -29.38 -0.82 21.53
N SER C 20 -30.06 0.25 21.12
CA SER C 20 -30.00 0.69 19.74
C SER C 20 -29.90 2.20 19.64
N CYS C 21 -29.37 2.69 18.52
CA CYS C 21 -29.08 4.11 18.32
C CYS C 21 -29.22 4.40 16.82
N THR C 22 -30.33 5.02 16.42
CA THR C 22 -30.65 5.24 15.01
C THR C 22 -30.24 6.64 14.58
N ALA C 23 -29.62 6.74 13.41
CA ALA C 23 -29.07 8.00 12.93
C ALA C 23 -29.81 8.48 11.71
N SER C 24 -30.33 9.69 11.76
CA SER C 24 -31.06 10.25 10.64
C SER C 24 -30.51 11.64 10.33
N GLY C 25 -30.20 11.88 9.07
CA GLY C 25 -29.56 13.11 8.65
C GLY C 25 -28.18 12.92 8.06
N PHE C 26 -27.61 11.72 8.08
CA PHE C 26 -26.34 11.44 7.44
C PHE C 26 -26.26 9.94 7.18
N ASN C 27 -25.21 9.53 6.46
CA ASN C 27 -25.04 8.14 6.03
C ASN C 27 -23.91 7.52 6.83
N ILE C 28 -24.22 6.51 7.64
CA ILE C 28 -23.29 6.04 8.65
C ILE C 28 -22.12 5.31 8.02
N LYS C 29 -22.02 5.32 6.70
CA LYS C 29 -20.84 4.77 6.07
C LYS C 29 -19.64 5.69 6.21
N ASP C 30 -19.85 6.93 6.63
CA ASP C 30 -18.79 7.94 6.66
C ASP C 30 -18.17 8.13 8.04
N THR C 31 -18.60 7.38 9.04
CA THR C 31 -18.31 7.76 10.41
C THR C 31 -17.92 6.53 11.20
N TYR C 32 -17.40 6.74 12.41
CA TYR C 32 -17.39 5.70 13.43
C TYR C 32 -18.73 5.72 14.12
N MET C 33 -18.94 4.80 15.06
CA MET C 33 -20.05 4.93 16.00
C MET C 33 -19.63 4.24 17.29
N TYR C 34 -19.03 4.99 18.20
CA TYR C 34 -18.55 4.40 19.44
C TYR C 34 -19.60 4.51 20.54
N TRP C 35 -19.31 3.97 21.72
CA TRP C 35 -20.22 4.01 22.85
C TRP C 35 -19.45 4.40 24.11
N VAL C 36 -20.12 5.03 25.07
CA VAL C 36 -19.47 5.55 26.28
C VAL C 36 -20.37 5.34 27.49
N LYS C 37 -19.77 4.98 28.62
CA LYS C 37 -20.50 4.65 29.84
C LYS C 37 -20.18 5.64 30.95
N GLN C 38 -21.20 6.09 31.69
CA GLN C 38 -21.01 7.08 32.74
C GLN C 38 -21.67 6.60 34.02
N ARG C 39 -20.89 6.05 34.94
CA ARG C 39 -21.43 5.58 36.20
C ARG C 39 -21.79 6.79 37.05
N PRO C 40 -22.57 6.61 38.12
CA PRO C 40 -22.94 7.77 38.96
C PRO C 40 -21.78 8.56 39.52
N ASP C 41 -20.62 7.95 39.73
CA ASP C 41 -19.38 8.72 39.83
C ASP C 41 -19.09 9.29 38.46
N GLN C 42 -19.13 10.60 38.33
CA GLN C 42 -19.35 11.20 37.03
C GLN C 42 -18.22 10.93 36.04
N GLY C 43 -17.22 10.13 36.42
CA GLY C 43 -16.17 9.81 35.48
C GLY C 43 -16.71 9.02 34.31
N LEU C 44 -16.11 9.26 33.13
CA LEU C 44 -16.56 8.64 31.89
C LEU C 44 -15.58 7.55 31.50
N GLU C 45 -16.06 6.52 30.81
CA GLU C 45 -15.23 5.44 30.32
C GLU C 45 -15.51 5.16 28.85
N TRP C 46 -14.59 4.48 28.21
CA TRP C 46 -14.74 4.11 26.81
C TRP C 46 -15.01 2.62 26.70
N ILE C 47 -15.86 2.22 25.77
CA ILE C 47 -16.32 0.84 25.67
C ILE C 47 -15.89 0.19 24.37
N GLY C 48 -16.17 0.82 23.23
CA GLY C 48 -15.75 0.24 21.97
C GLY C 48 -16.25 1.07 20.81
N ARG C 49 -15.72 0.77 19.63
CA ARG C 49 -16.10 1.47 18.42
C ARG C 49 -16.20 0.49 17.26
N ILE C 50 -16.64 1.00 16.12
CA ILE C 50 -16.92 0.20 14.94
C ILE C 50 -16.91 1.10 13.72
N ASP C 51 -16.38 0.60 12.62
CA ASP C 51 -16.39 1.31 11.35
C ASP C 51 -17.34 0.63 10.40
N PRO C 52 -18.50 1.20 10.11
CA PRO C 52 -19.52 0.44 9.38
C PRO C 52 -19.20 0.19 7.92
N ALA C 53 -18.16 0.82 7.37
CA ALA C 53 -17.90 0.70 5.94
C ALA C 53 -17.37 -0.69 5.58
N ASN C 54 -16.63 -1.32 6.48
CA ASN C 54 -16.16 -2.67 6.21
C ASN C 54 -16.50 -3.61 7.36
N GLY C 55 -16.58 -3.09 8.58
CA GLY C 55 -17.14 -3.84 9.68
C GLY C 55 -16.15 -4.30 10.74
N ASN C 56 -15.13 -3.49 10.99
CA ASN C 56 -14.13 -3.79 12.01
C ASN C 56 -14.55 -3.17 13.32
N SER C 57 -14.09 -3.74 14.43
CA SER C 57 -14.36 -3.19 15.74
C SER C 57 -13.11 -3.26 16.58
N LYS C 58 -13.07 -2.46 17.64
CA LYS C 58 -11.96 -2.47 18.59
C LYS C 58 -12.55 -2.24 19.96
N TYR C 59 -12.04 -2.93 20.98
CA TYR C 59 -12.63 -2.86 22.30
C TYR C 59 -11.60 -2.52 23.36
N ASP C 60 -12.07 -1.87 24.41
CA ASP C 60 -11.24 -1.68 25.58
C ASP C 60 -10.89 -3.03 26.19
N PRO C 61 -9.61 -3.34 26.39
CA PRO C 61 -9.25 -4.71 26.79
C PRO C 61 -9.87 -5.16 28.11
N LYS C 62 -10.13 -4.25 29.03
CA LYS C 62 -10.84 -4.62 30.25
C LYS C 62 -12.27 -5.06 29.94
N PHE C 63 -12.89 -4.47 28.94
CA PHE C 63 -14.29 -4.76 28.60
C PHE C 63 -14.44 -5.86 27.57
N GLN C 64 -13.35 -6.48 27.14
CA GLN C 64 -13.46 -7.50 26.11
C GLN C 64 -14.02 -8.79 26.70
N GLY C 65 -14.96 -9.40 25.98
CA GLY C 65 -15.64 -10.59 26.44
C GLY C 65 -16.91 -10.33 27.21
N LYS C 66 -17.23 -9.06 27.46
CA LYS C 66 -18.42 -8.68 28.19
C LYS C 66 -19.51 -8.13 27.30
N ALA C 67 -19.15 -7.27 26.34
CA ALA C 67 -20.13 -6.52 25.57
C ALA C 67 -19.62 -6.35 24.14
N THR C 68 -20.50 -6.61 23.17
CA THR C 68 -20.13 -6.61 21.76
C THR C 68 -20.96 -5.61 20.98
N ILE C 69 -20.34 -5.00 19.97
CA ILE C 69 -20.94 -3.93 19.19
C ILE C 69 -21.15 -4.43 17.76
N THR C 70 -22.37 -4.31 17.26
CA THR C 70 -22.67 -4.71 15.91
C THR C 70 -23.46 -3.60 15.23
N ALA C 71 -23.37 -3.55 13.90
CA ALA C 71 -23.97 -2.48 13.12
C ALA C 71 -24.80 -3.06 11.99
N ASP C 72 -25.51 -2.19 11.29
CA ASP C 72 -26.36 -2.62 10.18
C ASP C 72 -26.63 -1.43 9.27
N THR C 73 -25.86 -1.30 8.19
CA THR C 73 -25.96 -0.10 7.36
C THR C 73 -27.22 -0.07 6.50
N SER C 74 -28.00 -1.15 6.48
CA SER C 74 -29.25 -1.15 5.73
C SER C 74 -30.17 -0.06 6.25
N SER C 75 -30.59 -0.19 7.50
CA SER C 75 -31.28 0.88 8.21
C SER C 75 -30.30 1.41 9.26
N ASN C 76 -29.91 2.67 9.13
CA ASN C 76 -28.82 3.24 9.92
C ASN C 76 -28.99 2.90 11.39
N THR C 77 -28.07 2.12 11.96
CA THR C 77 -28.26 1.67 13.33
C THR C 77 -26.97 1.06 13.85
N ALA C 78 -26.80 1.08 15.17
CA ALA C 78 -25.77 0.32 15.85
C ALA C 78 -26.37 -0.26 17.12
N TYR C 79 -25.80 -1.37 17.60
CA TYR C 79 -26.32 -2.04 18.78
C TYR C 79 -25.19 -2.47 19.68
N LEU C 80 -25.42 -2.47 20.98
CA LEU C 80 -24.47 -2.92 21.99
C LEU C 80 -25.13 -3.92 22.91
N GLN C 81 -24.48 -5.08 23.08
CA GLN C 81 -25.04 -6.18 23.84
C GLN C 81 -24.19 -6.46 25.08
N VAL C 82 -24.73 -6.12 26.25
CA VAL C 82 -24.04 -6.37 27.51
C VAL C 82 -24.62 -7.63 28.12
N SER C 83 -23.75 -8.52 28.59
CA SER C 83 -24.20 -9.78 29.16
C SER C 83 -23.66 -9.95 30.58
N SER C 84 -24.37 -10.75 31.35
CA SER C 84 -24.05 -11.02 32.76
C SER C 84 -24.03 -9.73 33.57
N LEU C 85 -25.19 -9.08 33.62
CA LEU C 85 -25.31 -7.87 34.40
C LEU C 85 -25.15 -8.15 35.88
N THR C 86 -24.48 -7.24 36.58
CA THR C 86 -24.15 -7.42 37.97
C THR C 86 -24.57 -6.15 38.70
N SER C 87 -24.28 -6.05 39.99
CA SER C 87 -24.66 -4.86 40.74
C SER C 87 -23.89 -3.62 40.33
N GLU C 88 -22.85 -3.76 39.51
CA GLU C 88 -22.03 -2.63 39.13
C GLU C 88 -22.32 -2.11 37.73
N ASP C 89 -23.45 -2.48 37.13
CA ASP C 89 -23.81 -2.00 35.81
C ASP C 89 -25.04 -1.10 35.85
N THR C 90 -25.09 -0.22 36.84
CA THR C 90 -26.04 0.89 36.84
C THR C 90 -25.31 2.09 36.26
N ALA C 91 -25.73 2.56 35.10
CA ALA C 91 -24.96 3.57 34.40
C ALA C 91 -25.85 4.24 33.37
N VAL C 92 -25.24 5.02 32.49
CA VAL C 92 -25.90 5.64 31.35
C VAL C 92 -25.00 5.46 30.13
N TYR C 93 -25.57 5.06 29.01
CA TYR C 93 -24.80 4.71 27.82
C TYR C 93 -25.12 5.66 26.66
N TYR C 94 -24.11 6.35 26.14
CA TYR C 94 -24.26 7.36 25.09
C TYR C 94 -23.62 6.88 23.80
N CYS C 95 -24.35 6.89 22.69
CA CYS C 95 -23.68 6.62 21.43
C CYS C 95 -22.97 7.89 20.98
N ALA C 96 -22.49 7.91 19.75
CA ALA C 96 -21.81 9.10 19.26
C ALA C 96 -21.67 9.00 17.75
N ARG C 97 -20.87 9.88 17.17
CA ARG C 97 -20.44 9.69 15.80
C ARG C 97 -19.25 10.58 15.52
N TRP C 98 -18.17 10.01 15.03
CA TRP C 98 -16.97 10.75 14.72
C TRP C 98 -16.80 10.77 13.22
N LEU C 99 -16.70 11.95 12.63
CA LEU C 99 -16.45 12.01 11.20
C LEU C 99 -15.07 11.49 10.88
N VAL C 100 -14.95 10.66 9.85
CA VAL C 100 -13.63 10.28 9.37
C VAL C 100 -13.44 10.58 7.90
N ARG C 101 -14.48 10.93 7.15
CA ARG C 101 -14.31 11.15 5.73
C ARG C 101 -15.40 12.10 5.25
N GLY C 102 -14.98 13.30 4.86
CA GLY C 102 -15.89 14.38 4.54
C GLY C 102 -15.94 15.46 5.60
N ARG C 103 -14.79 15.81 6.17
CA ARG C 103 -14.71 16.64 7.38
C ARG C 103 -15.38 17.99 7.13
N ARG C 104 -16.39 18.32 7.93
CA ARG C 104 -16.94 19.68 7.98
C ARG C 104 -17.96 19.74 9.10
N GLY C 105 -17.93 20.82 9.86
CA GLY C 105 -18.90 21.03 10.92
C GLY C 105 -18.46 20.37 12.22
N THR C 106 -19.43 20.22 13.12
CA THR C 106 -19.15 19.60 14.40
C THR C 106 -18.64 18.19 14.20
N MET C 107 -17.42 17.93 14.65
CA MET C 107 -16.81 16.63 14.43
C MET C 107 -17.13 15.63 15.52
N ASP C 108 -18.16 15.87 16.33
CA ASP C 108 -18.55 14.90 17.33
C ASP C 108 -19.90 15.28 17.91
N TYR C 109 -20.81 14.31 17.98
CA TYR C 109 -22.19 14.58 18.36
C TYR C 109 -22.69 13.41 19.19
N TRP C 110 -23.20 13.69 20.39
CA TRP C 110 -23.55 12.67 21.37
C TRP C 110 -25.04 12.51 21.52
N GLY C 111 -25.49 11.28 21.59
CA GLY C 111 -26.90 10.99 21.73
C GLY C 111 -27.43 11.40 23.08
N GLN C 112 -28.47 10.75 23.58
CA GLN C 112 -29.13 11.20 24.80
C GLN C 112 -29.00 10.27 25.99
N GLY C 113 -28.70 9.00 25.80
CA GLY C 113 -28.43 8.08 26.89
C GLY C 113 -29.66 7.34 27.37
N THR C 114 -29.44 6.10 27.82
CA THR C 114 -30.53 5.23 28.25
C THR C 114 -30.19 4.69 29.63
N SER C 115 -30.82 5.23 30.66
CA SER C 115 -30.57 4.74 32.01
C SER C 115 -30.86 3.25 32.11
N VAL C 116 -29.97 2.52 32.77
CA VAL C 116 -30.11 1.07 32.95
C VAL C 116 -30.04 0.77 34.44
N THR C 117 -31.03 0.06 34.96
CA THR C 117 -31.13 -0.23 36.38
C THR C 117 -31.25 -1.72 36.59
N VAL C 118 -30.38 -2.29 37.42
CA VAL C 118 -30.35 -3.72 37.66
C VAL C 118 -30.48 -3.98 39.16
N SER C 119 -31.50 -4.74 39.53
CA SER C 119 -31.79 -5.08 40.92
C SER C 119 -32.87 -6.15 40.92
N SER C 120 -33.43 -6.42 42.10
CA SER C 120 -34.38 -7.50 42.27
C SER C 120 -35.80 -7.08 42.62
N ALA C 121 -35.99 -5.89 43.17
CA ALA C 121 -37.32 -5.50 43.63
C ALA C 121 -38.27 -5.30 42.46
N LYS C 122 -39.56 -5.21 42.77
CA LYS C 122 -40.57 -5.02 41.73
C LYS C 122 -40.98 -3.56 41.64
N THR C 123 -41.87 -3.27 40.69
CA THR C 123 -42.34 -1.92 40.44
C THR C 123 -43.35 -1.50 41.51
N THR C 124 -43.74 -0.22 41.45
CA THR C 124 -44.68 0.38 42.38
C THR C 124 -45.27 1.61 41.70
N ALA C 125 -46.37 2.13 42.24
CA ALA C 125 -47.05 3.26 41.65
C ALA C 125 -46.95 4.49 42.57
N PRO C 126 -46.92 5.69 42.01
CA PRO C 126 -46.71 6.89 42.83
C PRO C 126 -47.98 7.28 43.58
N SER C 127 -47.78 8.15 44.57
CA SER C 127 -48.88 8.69 45.38
C SER C 127 -48.67 10.17 45.57
N VAL C 128 -49.50 10.97 44.91
CA VAL C 128 -49.31 12.42 44.85
C VAL C 128 -50.24 13.09 45.84
N TYR C 129 -49.75 14.18 46.47
CA TYR C 129 -50.47 14.99 47.42
C TYR C 129 -50.27 16.47 47.11
N PRO C 130 -51.30 17.29 47.32
CA PRO C 130 -51.11 18.73 47.23
C PRO C 130 -50.56 19.32 48.52
N LEU C 131 -50.00 20.53 48.40
CA LEU C 131 -49.43 21.23 49.53
C LEU C 131 -49.99 22.64 49.58
N ALA C 132 -50.54 23.03 50.73
CA ALA C 132 -51.19 24.32 50.84
C ALA C 132 -50.64 25.09 52.04
N PRO C 133 -50.58 26.41 51.94
CA PRO C 133 -50.09 27.21 53.07
C PRO C 133 -51.07 27.20 54.22
N VAL C 134 -50.52 27.41 55.42
CA VAL C 134 -51.33 27.41 56.63
C VAL C 134 -52.20 28.66 56.66
N CYS C 135 -53.17 28.69 57.59
CA CYS C 135 -54.11 29.80 57.66
C CYS C 135 -53.41 31.08 58.07
N GLY C 136 -53.91 32.21 57.56
CA GLY C 136 -53.41 33.52 57.97
C GLY C 136 -52.09 33.93 57.37
N ASP C 137 -51.62 33.24 56.33
CA ASP C 137 -50.32 33.53 55.73
C ASP C 137 -50.40 34.40 54.49
N THR C 138 -51.58 34.95 54.18
CA THR C 138 -51.80 35.66 52.92
C THR C 138 -51.58 37.18 53.04
N THR C 139 -50.63 37.61 53.88
CA THR C 139 -50.31 39.02 54.01
C THR C 139 -49.18 39.46 53.09
N GLY C 140 -48.50 38.53 52.42
CA GLY C 140 -47.40 38.88 51.56
C GLY C 140 -47.83 39.15 50.13
N SER C 141 -46.87 39.67 49.36
CA SER C 141 -47.13 39.98 47.96
C SER C 141 -46.97 38.79 47.03
N SER C 142 -46.43 37.67 47.53
CA SER C 142 -46.28 36.48 46.70
C SER C 142 -46.41 35.25 47.59
N VAL C 143 -46.86 34.15 46.98
CA VAL C 143 -47.16 32.92 47.70
C VAL C 143 -46.45 31.77 47.00
N THR C 144 -46.16 30.72 47.77
CA THR C 144 -45.49 29.53 47.26
C THR C 144 -46.35 28.31 47.52
N LEU C 145 -46.43 27.41 46.53
CA LEU C 145 -47.19 26.18 46.61
C LEU C 145 -46.30 25.00 46.22
N GLY C 146 -46.70 23.80 46.62
CA GLY C 146 -45.89 22.63 46.42
C GLY C 146 -46.72 21.41 46.08
N CYS C 147 -46.05 20.43 45.46
CA CYS C 147 -46.66 19.18 45.04
C CYS C 147 -45.69 18.06 45.36
N LEU C 148 -46.15 17.05 46.10
CA LEU C 148 -45.28 16.00 46.62
C LEU C 148 -45.69 14.64 46.06
N VAL C 149 -44.72 13.87 45.58
CA VAL C 149 -44.95 12.51 45.09
C VAL C 149 -44.00 11.58 45.83
N LYS C 150 -44.54 10.48 46.35
CA LYS C 150 -43.82 9.64 47.30
C LYS C 150 -43.99 8.17 46.95
N GLY C 151 -42.92 7.41 47.12
CA GLY C 151 -43.00 5.98 47.07
C GLY C 151 -43.23 5.39 45.70
N TYR C 152 -42.26 5.52 44.81
CA TYR C 152 -42.34 4.90 43.50
C TYR C 152 -41.05 4.16 43.21
N PHE C 153 -41.06 3.36 42.16
CA PHE C 153 -39.92 2.62 41.68
C PHE C 153 -40.24 2.13 40.27
N PRO C 154 -39.31 2.20 39.31
CA PRO C 154 -38.01 2.87 39.31
C PRO C 154 -38.10 4.21 38.59
N GLU C 155 -36.95 4.84 38.34
CA GLU C 155 -36.92 6.07 37.57
C GLU C 155 -37.38 5.82 36.14
N PRO C 156 -37.79 6.87 35.42
CA PRO C 156 -37.94 8.25 35.87
C PRO C 156 -39.37 8.70 35.99
N VAL C 157 -39.58 9.89 36.53
CA VAL C 157 -40.91 10.47 36.71
C VAL C 157 -40.87 11.87 36.14
N THR C 158 -41.85 12.20 35.31
CA THR C 158 -41.94 13.53 34.72
C THR C 158 -43.03 14.33 35.41
N LEU C 159 -42.67 15.51 35.90
CA LEU C 159 -43.60 16.37 36.62
C LEU C 159 -43.69 17.70 35.89
N THR C 160 -44.91 18.21 35.72
CA THR C 160 -45.14 19.46 35.02
C THR C 160 -46.22 20.27 35.73
N TRP C 161 -46.15 21.59 35.56
CA TRP C 161 -47.06 22.52 36.21
C TRP C 161 -47.91 23.23 35.17
N ASN C 162 -49.24 23.09 35.29
CA ASN C 162 -50.19 23.64 34.33
C ASN C 162 -49.82 23.25 32.90
N SER C 163 -49.47 21.99 32.72
CA SER C 163 -49.14 21.40 31.42
C SER C 163 -48.05 22.22 30.72
N GLY C 164 -47.09 22.67 31.53
CA GLY C 164 -45.96 23.40 31.02
C GLY C 164 -46.21 24.87 30.77
N SER C 165 -47.42 25.36 31.01
CA SER C 165 -47.70 26.78 30.78
C SER C 165 -47.11 27.67 31.85
N LEU C 166 -46.70 27.11 32.99
CA LEU C 166 -46.11 27.86 34.09
C LEU C 166 -44.65 27.46 34.21
N SER C 167 -43.78 28.21 33.55
CA SER C 167 -42.37 27.86 33.46
C SER C 167 -41.45 28.81 34.21
N SER C 168 -41.98 29.74 34.99
CA SER C 168 -41.17 30.72 35.71
C SER C 168 -41.42 30.60 37.20
N GLY C 169 -40.34 30.56 37.98
CA GLY C 169 -40.49 30.45 39.41
C GLY C 169 -40.80 29.06 39.92
N VAL C 170 -40.33 28.03 39.23
CA VAL C 170 -40.56 26.65 39.63
C VAL C 170 -39.22 25.95 39.83
N HIS C 171 -39.08 25.29 40.98
CA HIS C 171 -37.88 24.55 41.33
C HIS C 171 -38.25 23.10 41.58
N THR C 172 -37.45 22.17 41.05
CA THR C 172 -37.70 20.76 41.25
C THR C 172 -36.42 20.08 41.67
N PHE C 173 -36.49 19.30 42.75
CA PHE C 173 -35.29 18.75 43.36
C PHE C 173 -35.03 17.34 42.87
N PRO C 174 -33.76 16.94 42.82
CA PRO C 174 -33.43 15.55 42.44
C PRO C 174 -33.99 14.55 43.45
N ALA C 175 -34.25 13.35 42.95
CA ALA C 175 -34.81 12.29 43.77
C ALA C 175 -33.75 11.65 44.66
N VAL C 176 -34.20 11.03 45.74
CA VAL C 176 -33.35 10.28 46.64
C VAL C 176 -33.97 8.91 46.86
N LEU C 177 -33.14 7.93 47.19
CA LEU C 177 -33.61 6.56 47.42
C LEU C 177 -33.63 6.22 48.90
N GLN C 178 -34.70 5.54 49.31
CA GLN C 178 -34.89 5.22 50.72
C GLN C 178 -35.67 3.91 50.81
N SER C 179 -34.97 2.82 51.09
CA SER C 179 -35.58 1.50 51.27
C SER C 179 -36.46 1.13 50.08
N ASP C 180 -35.89 1.21 48.87
CA ASP C 180 -36.56 0.80 47.64
C ASP C 180 -37.71 1.72 47.27
N LEU C 181 -37.69 2.95 47.77
CA LEU C 181 -38.64 3.98 47.41
C LEU C 181 -37.90 5.26 47.08
N TYR C 182 -38.52 6.08 46.24
CA TYR C 182 -37.96 7.35 45.82
C TYR C 182 -38.91 8.47 46.22
N THR C 183 -38.42 9.70 46.17
CA THR C 183 -39.26 10.85 46.51
C THR C 183 -38.70 12.09 45.85
N LEU C 184 -39.58 12.93 45.29
CA LEU C 184 -39.15 14.25 44.84
C LEU C 184 -40.32 15.21 44.98
N SER C 185 -39.99 16.49 45.04
CA SER C 185 -40.94 17.54 45.36
C SER C 185 -40.88 18.62 44.30
N SER C 186 -41.60 19.71 44.53
CA SER C 186 -41.55 20.85 43.64
C SER C 186 -42.07 22.06 44.37
N SER C 187 -41.80 23.23 43.80
CA SER C 187 -42.23 24.48 44.41
C SER C 187 -42.58 25.48 43.32
N VAL C 188 -43.64 26.25 43.54
CA VAL C 188 -44.02 27.31 42.64
C VAL C 188 -44.24 28.58 43.44
N THR C 189 -43.63 29.67 43.00
CA THR C 189 -43.78 30.97 43.64
C THR C 189 -44.46 31.91 42.67
N VAL C 190 -45.62 32.44 43.08
CA VAL C 190 -46.43 33.28 42.22
C VAL C 190 -46.89 34.51 43.00
N THR C 191 -47.30 35.53 42.27
CA THR C 191 -47.82 36.74 42.88
C THR C 191 -49.11 36.44 43.64
N SER C 192 -49.25 37.06 44.81
CA SER C 192 -50.40 36.81 45.66
C SER C 192 -51.71 37.16 44.97
N SER C 193 -51.68 38.07 43.99
CA SER C 193 -52.89 38.39 43.26
C SER C 193 -53.34 37.25 42.36
N THR C 194 -52.43 36.34 42.00
CA THR C 194 -52.78 35.26 41.08
C THR C 194 -53.57 34.16 41.77
N TRP C 195 -53.34 33.95 43.07
CA TRP C 195 -53.94 32.84 43.79
C TRP C 195 -54.80 33.35 44.93
N PRO C 196 -55.97 32.74 45.16
CA PRO C 196 -56.55 31.67 44.36
C PRO C 196 -57.36 32.20 43.18
N SER C 197 -56.97 33.37 42.66
CA SER C 197 -57.73 33.99 41.58
C SER C 197 -57.74 33.13 40.34
N GLN C 198 -56.64 32.44 40.06
CA GLN C 198 -56.51 31.60 38.88
C GLN C 198 -56.17 30.19 39.30
N SER C 199 -56.81 29.21 38.66
CA SER C 199 -56.61 27.82 39.01
C SER C 199 -55.18 27.37 38.70
N ILE C 200 -54.68 26.45 39.51
CA ILE C 200 -53.31 25.96 39.39
C ILE C 200 -53.28 24.50 39.81
N THR C 201 -52.48 23.69 39.12
CA THR C 201 -52.40 22.27 39.40
C THR C 201 -51.09 21.69 38.90
N CYS C 202 -50.67 20.59 39.53
CA CYS C 202 -49.43 19.91 39.18
C CYS C 202 -49.72 18.63 38.42
N ASN C 203 -49.11 18.51 37.24
CA ASN C 203 -49.34 17.38 36.34
C ASN C 203 -48.17 16.42 36.43
N VAL C 204 -48.44 15.17 36.80
CA VAL C 204 -47.40 14.17 36.98
C VAL C 204 -47.75 12.95 36.13
N ALA C 205 -46.75 12.37 35.46
CA ALA C 205 -46.92 11.18 34.65
C ALA C 205 -45.78 10.20 34.92
N HIS C 206 -46.12 8.91 35.01
CA HIS C 206 -45.15 7.84 35.28
C HIS C 206 -45.35 6.70 34.29
N PRO C 207 -44.52 6.62 33.25
CA PRO C 207 -44.79 5.65 32.17
C PRO C 207 -44.50 4.21 32.54
N ALA C 208 -43.74 3.96 33.60
CA ALA C 208 -43.30 2.59 33.89
C ALA C 208 -44.47 1.68 34.21
N SER C 209 -45.39 2.13 35.06
CA SER C 209 -46.59 1.39 35.38
C SER C 209 -47.86 2.09 34.91
N SER C 210 -47.74 3.04 33.98
CA SER C 210 -48.87 3.68 33.32
C SER C 210 -49.77 4.40 34.33
N THR C 211 -49.22 5.42 34.96
CA THR C 211 -49.95 6.28 35.88
C THR C 211 -49.96 7.69 35.32
N LYS C 212 -51.12 8.33 35.35
CA LYS C 212 -51.25 9.75 34.98
C LYS C 212 -52.29 10.37 35.90
N VAL C 213 -51.81 11.12 36.90
CA VAL C 213 -52.67 11.67 37.93
C VAL C 213 -52.45 13.17 37.99
N ASP C 214 -53.54 13.93 38.11
CA ASP C 214 -53.49 15.37 38.28
C ASP C 214 -54.27 15.74 39.52
N LYS C 215 -53.72 16.65 40.32
CA LYS C 215 -54.42 17.17 41.49
C LYS C 215 -54.28 18.67 41.54
N LYS C 216 -55.34 19.34 41.97
CA LYS C 216 -55.37 20.79 42.09
C LYS C 216 -55.14 21.17 43.55
N ILE C 217 -54.45 22.29 43.75
CA ILE C 217 -53.98 22.69 45.07
C ILE C 217 -55.09 23.55 45.68
N GLU C 218 -56.07 22.90 46.28
CA GLU C 218 -57.26 23.61 46.72
C GLU C 218 -56.98 24.31 48.05
N PRO C 219 -57.27 25.61 48.14
CA PRO C 219 -57.00 26.35 49.38
C PRO C 219 -57.81 25.80 50.54
N ARG C 220 -57.21 25.85 51.73
CA ARG C 220 -57.85 25.34 52.94
C ARG C 220 -59.19 26.02 53.21
N ASP D 1 -2.05 2.33 28.18
CA ASP D 1 -2.90 3.36 28.75
C ASP D 1 -2.15 4.64 29.05
N ILE D 2 -2.56 5.73 28.40
CA ILE D 2 -2.05 7.06 28.70
C ILE D 2 -2.93 7.64 29.79
N VAL D 3 -2.35 7.88 30.95
CA VAL D 3 -3.10 8.35 32.11
C VAL D 3 -3.10 9.86 32.12
N MET D 4 -4.27 10.46 31.96
CA MET D 4 -4.41 11.90 31.96
C MET D 4 -4.71 12.36 33.37
N THR D 5 -3.90 13.28 33.88
CA THR D 5 -4.12 13.86 35.20
C THR D 5 -4.55 15.30 35.01
N GLN D 6 -5.65 15.67 35.64
CA GLN D 6 -6.31 16.93 35.35
C GLN D 6 -6.55 17.71 36.63
N SER D 7 -6.20 18.99 36.61
CA SER D 7 -6.23 19.82 37.82
C SER D 7 -6.37 21.27 37.42
N PRO D 8 -6.92 22.12 38.29
CA PRO D 8 -7.44 21.84 39.62
C PRO D 8 -8.84 21.26 39.59
N ALA D 9 -9.15 20.32 40.48
CA ALA D 9 -10.43 19.63 40.43
C ALA D 9 -11.58 20.48 40.95
N ILE D 10 -11.31 21.65 41.53
CA ILE D 10 -12.32 22.65 41.86
C ILE D 10 -11.81 24.01 41.44
N LEU D 11 -12.71 24.86 40.95
CA LEU D 11 -12.34 26.17 40.46
C LEU D 11 -13.40 27.17 40.89
N SER D 12 -13.06 28.44 40.83
CA SER D 12 -14.02 29.49 41.14
C SER D 12 -13.64 30.77 40.39
N ALA D 13 -14.60 31.65 40.21
CA ALA D 13 -14.38 32.86 39.42
C ALA D 13 -15.51 33.82 39.70
N SER D 14 -15.47 34.96 39.02
CA SER D 14 -16.52 35.97 39.04
C SER D 14 -16.61 36.56 37.64
N PRO D 15 -17.77 37.07 37.26
CA PRO D 15 -17.91 37.59 35.89
C PRO D 15 -16.88 38.67 35.61
N GLY D 16 -16.33 38.62 34.39
CA GLY D 16 -15.31 39.57 33.98
C GLY D 16 -13.88 39.12 34.21
N GLU D 17 -13.66 37.99 34.85
CA GLU D 17 -12.32 37.58 35.21
C GLU D 17 -11.77 36.64 34.14
N LYS D 18 -10.67 35.95 34.44
CA LYS D 18 -10.07 34.99 33.52
C LYS D 18 -9.69 33.73 34.28
N VAL D 19 -9.80 32.57 33.62
CA VAL D 19 -9.53 31.29 34.26
C VAL D 19 -8.75 30.37 33.32
N THR D 20 -8.06 29.41 33.93
CA THR D 20 -7.27 28.43 33.19
C THR D 20 -7.46 27.04 33.79
N MET D 21 -7.34 26.02 32.94
CA MET D 21 -7.32 24.62 33.35
C MET D 21 -6.28 23.87 32.54
N THR D 22 -5.76 22.78 33.09
CA THR D 22 -4.64 22.05 32.52
C THR D 22 -4.91 20.56 32.53
N CYS D 23 -4.70 19.89 31.40
CA CYS D 23 -4.87 18.45 31.29
C CYS D 23 -3.55 17.85 30.83
N ARG D 24 -2.73 17.44 31.77
CA ARG D 24 -1.37 17.01 31.52
C ARG D 24 -1.33 15.51 31.26
N ALA D 25 -0.80 15.10 30.12
CA ALA D 25 -0.85 13.71 29.71
C ALA D 25 0.17 12.91 30.50
N SER D 26 0.48 11.71 30.05
CA SER D 26 1.57 10.93 30.62
C SER D 26 2.55 10.41 29.59
N SER D 27 2.39 10.81 28.33
CA SER D 27 3.33 10.51 27.26
C SER D 27 2.91 11.38 26.07
N SER D 28 3.51 11.14 24.92
CA SER D 28 3.16 11.94 23.77
C SER D 28 1.75 11.59 23.28
N VAL D 29 0.91 12.61 23.08
CA VAL D 29 -0.46 12.39 22.61
C VAL D 29 -0.65 12.98 21.23
N SER D 30 -0.51 14.31 21.11
CA SER D 30 -0.66 15.10 19.89
C SER D 30 -2.13 15.34 19.49
N TYR D 31 -3.06 14.63 20.13
CA TYR D 31 -4.49 14.54 19.80
C TYR D 31 -5.29 14.74 21.08
N MET D 32 -5.99 15.84 21.22
CA MET D 32 -6.79 16.11 22.40
C MET D 32 -8.06 16.86 22.04
N HIS D 33 -9.04 16.84 22.93
CA HIS D 33 -10.27 17.58 22.71
C HIS D 33 -10.82 17.97 24.06
N TRP D 34 -11.63 19.03 24.10
CA TRP D 34 -12.15 19.53 25.36
C TRP D 34 -13.67 19.64 25.28
N TYR D 35 -14.37 19.13 26.29
CA TYR D 35 -15.82 19.04 26.26
C TYR D 35 -16.42 20.00 27.27
N GLN D 36 -17.72 19.90 27.48
CA GLN D 36 -18.42 20.67 28.51
C GLN D 36 -19.77 20.07 28.80
N GLN D 37 -19.97 19.55 29.99
CA GLN D 37 -21.24 18.92 30.34
C GLN D 37 -21.98 19.80 31.34
N LYS D 38 -23.20 20.17 31.02
CA LYS D 38 -24.04 20.87 31.98
C LYS D 38 -24.79 19.85 32.81
N PRO D 39 -25.50 20.26 33.85
CA PRO D 39 -26.25 19.28 34.66
C PRO D 39 -27.38 18.64 33.88
N GLY D 40 -27.38 17.31 33.86
CA GLY D 40 -28.44 16.52 33.26
C GLY D 40 -28.58 16.62 31.75
N SER D 41 -27.45 16.63 31.06
CA SER D 41 -27.44 16.85 29.62
C SER D 41 -26.23 16.10 29.08
N SER D 42 -26.07 16.11 27.78
CA SER D 42 -24.98 15.33 27.25
C SER D 42 -23.83 16.23 26.80
N PRO D 43 -22.60 15.74 26.78
CA PRO D 43 -21.45 16.60 26.49
C PRO D 43 -21.40 17.21 25.09
N LYS D 44 -20.36 17.97 24.79
CA LYS D 44 -20.35 18.85 23.63
C LYS D 44 -18.97 19.43 23.37
N PRO D 45 -18.37 19.28 22.20
CA PRO D 45 -16.98 19.73 22.02
C PRO D 45 -16.88 21.24 22.05
N TRP D 46 -15.69 21.70 22.36
CA TRP D 46 -15.33 23.08 22.11
C TRP D 46 -14.17 23.21 21.16
N ILE D 47 -13.16 22.38 21.33
CA ILE D 47 -11.87 22.57 20.69
C ILE D 47 -11.48 21.24 20.10
N TYR D 48 -11.16 21.22 18.81
CA TYR D 48 -10.84 19.98 18.13
C TYR D 48 -9.36 19.97 17.79
N ALA D 49 -8.66 18.95 18.28
CA ALA D 49 -7.20 18.86 18.17
C ALA D 49 -6.50 20.04 18.82
N THR D 50 -7.13 20.61 19.85
CA THR D 50 -6.59 21.63 20.75
C THR D 50 -6.43 23.04 20.20
N SER D 51 -6.69 23.25 18.91
CA SER D 51 -6.73 24.61 18.39
C SER D 51 -8.04 24.93 17.71
N ASN D 52 -8.47 24.11 16.75
CA ASN D 52 -9.59 24.47 15.89
C ASN D 52 -10.88 24.54 16.68
N LEU D 53 -11.47 25.72 16.80
CA LEU D 53 -12.78 25.83 17.41
C LEU D 53 -13.82 25.14 16.54
N ALA D 54 -14.79 24.49 17.16
CA ALA D 54 -15.84 23.80 16.44
C ALA D 54 -16.85 24.84 15.95
N SER D 55 -18.04 24.40 15.54
CA SER D 55 -19.04 25.30 14.98
C SER D 55 -19.46 26.33 16.03
N GLY D 56 -20.38 27.19 15.64
CA GLY D 56 -20.60 28.43 16.37
C GLY D 56 -20.75 28.27 17.86
N VAL D 57 -19.70 28.67 18.58
CA VAL D 57 -19.71 28.81 20.03
C VAL D 57 -19.02 30.12 20.35
N PRO D 58 -19.35 30.75 21.47
CA PRO D 58 -18.83 32.08 21.74
C PRO D 58 -17.31 32.09 21.70
N ALA D 59 -16.74 33.16 21.17
CA ALA D 59 -15.33 33.20 20.86
C ALA D 59 -14.43 33.28 22.08
N ARG D 60 -14.97 33.26 23.29
CA ARG D 60 -14.14 33.37 24.48
C ARG D 60 -13.46 32.06 24.85
N PHE D 61 -13.83 30.94 24.24
CA PHE D 61 -13.21 29.65 24.53
C PHE D 61 -12.08 29.39 23.56
N SER D 62 -10.87 29.20 24.09
CA SER D 62 -9.76 28.81 23.25
C SER D 62 -8.67 28.23 24.13
N GLY D 63 -7.86 27.34 23.55
CA GLY D 63 -6.79 26.71 24.30
C GLY D 63 -5.64 26.40 23.36
N SER D 64 -4.51 26.05 23.93
CA SER D 64 -3.32 25.80 23.11
C SER D 64 -2.33 24.96 23.91
N GLY D 65 -1.27 24.57 23.24
CA GLY D 65 -0.22 23.75 23.83
C GLY D 65 0.16 22.65 22.88
N SER D 66 1.29 22.00 23.17
CA SER D 66 1.71 20.83 22.42
C SER D 66 2.70 20.03 23.26
N GLY D 67 2.94 18.81 22.83
CA GLY D 67 3.80 17.91 23.58
C GLY D 67 3.00 17.03 24.54
N THR D 68 3.07 17.35 25.84
CA THR D 68 2.27 16.66 26.84
C THR D 68 1.75 17.62 27.90
N SER D 69 1.39 18.84 27.54
CA SER D 69 0.81 19.78 28.49
C SER D 69 -0.02 20.81 27.77
N TYR D 70 -1.29 20.92 28.14
CA TYR D 70 -2.26 21.73 27.40
C TYR D 70 -3.03 22.61 28.36
N SER D 71 -3.66 23.65 27.81
CA SER D 71 -4.38 24.59 28.66
C SER D 71 -5.60 25.13 27.93
N LEU D 72 -6.64 25.46 28.71
CA LEU D 72 -7.86 26.04 28.20
C LEU D 72 -8.10 27.36 28.93
N THR D 73 -8.49 28.39 28.20
CA THR D 73 -8.72 29.70 28.77
C THR D 73 -10.11 30.20 28.40
N ILE D 74 -10.84 30.70 29.39
CA ILE D 74 -12.16 31.28 29.19
C ILE D 74 -12.03 32.78 29.38
N SER D 75 -12.28 33.55 28.32
CA SER D 75 -11.86 34.96 28.33
C SER D 75 -12.60 35.77 29.37
N ARG D 76 -13.93 35.65 29.41
CA ARG D 76 -14.74 36.42 30.34
C ARG D 76 -15.89 35.54 30.82
N VAL D 77 -15.68 34.79 31.90
CA VAL D 77 -16.71 33.90 32.38
C VAL D 77 -17.95 34.71 32.72
N GLU D 78 -19.11 34.15 32.47
CA GLU D 78 -20.35 34.82 32.77
C GLU D 78 -21.33 33.83 33.40
N ALA D 79 -22.57 34.27 33.56
CA ALA D 79 -23.55 33.56 34.37
C ALA D 79 -23.98 32.23 33.77
N GLU D 80 -23.69 31.98 32.51
CA GLU D 80 -24.21 30.83 31.79
C GLU D 80 -23.23 29.66 31.77
N ASP D 81 -22.09 29.79 32.44
CA ASP D 81 -21.01 28.81 32.31
C ASP D 81 -20.67 28.09 33.60
N ALA D 82 -21.68 27.55 34.28
CA ALA D 82 -21.47 26.58 35.35
C ALA D 82 -21.65 25.20 34.74
N ALA D 83 -20.62 24.36 34.83
CA ALA D 83 -20.56 23.17 33.99
C ALA D 83 -19.57 22.20 34.63
N THR D 84 -19.06 21.27 33.83
CA THR D 84 -17.96 20.41 34.23
C THR D 84 -17.16 20.02 32.99
N TYR D 85 -15.86 20.31 32.98
CA TYR D 85 -15.09 20.25 31.75
C TYR D 85 -14.16 19.04 31.73
N TYR D 86 -14.32 18.19 30.73
CA TYR D 86 -13.52 16.98 30.56
C TYR D 86 -12.48 17.20 29.49
N CYS D 87 -11.57 16.24 29.35
CA CYS D 87 -10.58 16.22 28.29
C CYS D 87 -10.46 14.81 27.77
N GLN D 88 -10.21 14.66 26.49
CA GLN D 88 -10.15 13.34 25.89
C GLN D 88 -8.93 13.18 25.03
N GLN D 89 -8.11 12.19 25.29
CA GLN D 89 -7.00 11.92 24.39
C GLN D 89 -7.42 10.86 23.41
N TRP D 90 -6.61 10.66 22.39
CA TRP D 90 -7.17 9.95 21.27
C TRP D 90 -6.18 9.09 20.51
N SER D 91 -4.90 9.10 20.89
CA SER D 91 -3.83 8.63 20.01
C SER D 91 -3.52 7.15 20.20
N SER D 92 -4.42 6.39 20.81
CA SER D 92 -4.18 4.98 21.04
C SER D 92 -5.41 4.22 20.56
N ASN D 93 -5.53 2.93 20.91
CA ASN D 93 -6.86 2.35 20.72
C ASN D 93 -7.31 1.47 21.89
N PRO D 94 -7.00 1.84 23.15
CA PRO D 94 -8.02 2.26 24.11
C PRO D 94 -7.99 3.78 24.22
N ARG D 95 -9.07 4.45 24.58
CA ARG D 95 -9.08 5.91 24.68
C ARG D 95 -9.55 6.35 26.07
N THR D 96 -8.88 7.34 26.63
CA THR D 96 -9.00 7.64 28.06
C THR D 96 -9.50 9.05 28.26
N PHE D 97 -10.54 9.20 29.06
CA PHE D 97 -11.09 10.51 29.36
C PHE D 97 -10.29 11.14 30.49
N GLY D 98 -10.79 12.22 31.06
CA GLY D 98 -10.08 12.92 32.10
C GLY D 98 -10.88 12.92 33.39
N GLY D 99 -10.70 13.93 34.22
CA GLY D 99 -11.34 13.93 35.52
C GLY D 99 -12.48 14.91 35.70
N GLY D 100 -12.37 16.09 35.10
CA GLY D 100 -13.45 17.04 35.19
C GLY D 100 -13.25 18.00 36.34
N THR D 101 -13.47 19.30 36.11
CA THR D 101 -13.22 20.30 37.13
C THR D 101 -14.45 21.18 37.28
N LYS D 102 -15.31 20.87 38.22
CA LYS D 102 -16.52 21.66 38.39
C LYS D 102 -16.16 23.12 38.57
N LEU D 103 -16.80 23.97 37.77
CA LEU D 103 -16.52 25.40 37.75
C LEU D 103 -17.69 26.14 38.37
N GLU D 104 -17.39 27.14 39.18
CA GLU D 104 -18.42 27.88 39.89
C GLU D 104 -18.42 29.33 39.46
N ILE D 105 -19.47 30.04 39.82
CA ILE D 105 -19.58 31.48 39.61
C ILE D 105 -19.91 32.13 40.94
N LYS D 106 -19.10 33.11 41.34
CA LYS D 106 -19.36 33.79 42.59
C LYS D 106 -20.33 34.93 42.39
N ARG D 107 -20.88 35.40 43.50
CA ARG D 107 -21.80 36.53 43.50
C ARG D 107 -21.84 37.09 44.92
N ALA D 108 -22.45 38.26 45.06
CA ALA D 108 -22.66 38.83 46.38
C ALA D 108 -23.60 37.94 47.19
N ASP D 109 -23.52 38.08 48.50
CA ASP D 109 -24.27 37.20 49.39
C ASP D 109 -25.77 37.42 49.25
N ALA D 110 -26.53 36.37 49.55
CA ALA D 110 -27.99 36.41 49.51
C ALA D 110 -28.56 35.53 50.60
N ALA D 111 -29.73 35.91 51.13
CA ALA D 111 -30.33 35.23 52.27
C ALA D 111 -31.54 34.42 51.82
N PRO D 112 -31.73 33.20 52.33
CA PRO D 112 -32.83 32.37 51.84
C PRO D 112 -34.19 32.82 52.34
N THR D 113 -35.24 32.26 51.73
CA THR D 113 -36.61 32.39 52.19
C THR D 113 -37.13 31.01 52.59
N VAL D 114 -37.80 30.93 53.73
CA VAL D 114 -38.17 29.66 54.34
C VAL D 114 -39.69 29.54 54.40
N SER D 115 -40.20 28.37 54.01
CA SER D 115 -41.63 28.07 54.04
C SER D 115 -41.85 26.72 54.71
N ILE D 116 -43.01 26.56 55.35
CA ILE D 116 -43.37 25.34 56.05
C ILE D 116 -44.75 24.89 55.58
N PHE D 117 -44.91 23.59 55.36
CA PHE D 117 -46.17 23.02 54.89
C PHE D 117 -46.56 21.82 55.74
N PRO D 118 -47.71 21.85 56.40
CA PRO D 118 -48.11 20.76 57.28
C PRO D 118 -48.58 19.57 56.49
N PRO D 119 -48.80 18.43 57.13
CA PRO D 119 -49.35 17.27 56.41
C PRO D 119 -50.68 17.61 55.74
N SER D 120 -50.86 17.09 54.53
CA SER D 120 -52.05 17.39 53.75
C SER D 120 -53.23 16.55 54.21
N SER D 121 -54.43 16.98 53.81
CA SER D 121 -55.65 16.29 54.21
C SER D 121 -55.71 14.87 53.65
N GLU D 122 -55.34 14.69 52.38
CA GLU D 122 -55.33 13.35 51.80
C GLU D 122 -54.20 12.51 52.39
N GLN D 123 -53.10 13.16 52.78
CA GLN D 123 -52.06 12.45 53.51
C GLN D 123 -52.58 11.91 54.83
N LEU D 124 -53.51 12.63 55.46
CA LEU D 124 -54.07 12.19 56.73
C LEU D 124 -54.75 10.83 56.59
N THR D 125 -55.49 10.63 55.50
CA THR D 125 -56.19 9.37 55.28
C THR D 125 -55.23 8.22 55.04
N SER D 126 -54.02 8.51 54.52
CA SER D 126 -53.10 7.49 54.05
C SER D 126 -52.54 6.61 55.16
N GLY D 127 -52.69 6.99 56.41
CA GLY D 127 -52.03 6.29 57.49
C GLY D 127 -50.63 6.77 57.80
N GLY D 128 -50.13 7.77 57.07
CA GLY D 128 -48.86 8.38 57.40
C GLY D 128 -48.93 9.88 57.16
N ALA D 129 -48.07 10.60 57.86
CA ALA D 129 -48.03 12.06 57.79
C ALA D 129 -46.66 12.52 57.30
N SER D 130 -46.61 13.73 56.77
CA SER D 130 -45.36 14.25 56.20
C SER D 130 -45.31 15.75 56.44
N VAL D 131 -44.13 16.26 56.82
CA VAL D 131 -43.92 17.68 57.01
C VAL D 131 -42.62 18.08 56.29
N VAL D 132 -42.66 19.21 55.59
CA VAL D 132 -41.56 19.65 54.73
C VAL D 132 -41.35 21.15 54.90
N CYS D 133 -40.10 21.59 54.72
CA CYS D 133 -39.76 23.00 54.73
C CYS D 133 -38.77 23.30 53.60
N PHE D 134 -39.08 24.31 52.79
CA PHE D 134 -38.33 24.66 51.59
C PHE D 134 -37.40 25.84 51.87
N LEU D 135 -36.30 25.90 51.10
CA LEU D 135 -35.31 26.97 51.19
C LEU D 135 -34.94 27.39 49.77
N ASN D 136 -35.09 28.67 49.45
CA ASN D 136 -34.97 29.11 48.07
C ASN D 136 -34.02 30.29 47.93
N ASN D 137 -33.19 30.26 46.88
CA ASN D 137 -32.43 31.41 46.41
C ASN D 137 -31.45 31.93 47.48
N PHE D 138 -30.46 31.10 47.80
CA PHE D 138 -29.42 31.53 48.72
C PHE D 138 -28.04 31.14 48.19
N TYR D 139 -27.03 31.88 48.65
CA TYR D 139 -25.65 31.61 48.31
C TYR D 139 -24.83 31.96 49.53
N PRO D 140 -23.70 31.28 49.78
CA PRO D 140 -23.13 30.11 49.13
C PRO D 140 -23.65 28.80 49.68
N LYS D 141 -23.08 27.70 49.18
CA LYS D 141 -23.74 26.40 49.15
C LYS D 141 -23.75 25.67 50.49
N ASP D 142 -23.26 26.27 51.56
CA ASP D 142 -23.16 25.60 52.84
C ASP D 142 -24.27 26.07 53.76
N ILE D 143 -25.04 25.12 54.30
CA ILE D 143 -26.18 25.45 55.14
C ILE D 143 -26.54 24.22 55.96
N ASN D 144 -27.18 24.44 57.11
CA ASN D 144 -27.68 23.36 57.94
C ASN D 144 -29.06 23.72 58.47
N VAL D 145 -29.94 22.72 58.56
CA VAL D 145 -31.32 22.91 58.98
C VAL D 145 -31.54 22.20 60.31
N LYS D 146 -32.54 22.66 61.06
CA LYS D 146 -32.86 22.10 62.37
C LYS D 146 -34.35 21.86 62.50
N TRP D 147 -34.70 20.72 63.09
CA TRP D 147 -36.08 20.33 63.37
C TRP D 147 -36.31 20.30 64.87
N LYS D 148 -37.34 21.00 65.33
CA LYS D 148 -37.74 20.99 66.72
C LYS D 148 -39.23 20.70 66.82
N ILE D 149 -39.61 19.88 67.79
CA ILE D 149 -41.01 19.52 68.02
C ILE D 149 -41.41 20.06 69.39
N ASP D 150 -42.42 20.94 69.40
CA ASP D 150 -42.88 21.62 70.62
C ASP D 150 -41.71 22.26 71.37
N GLY D 151 -40.65 22.62 70.65
CA GLY D 151 -39.44 23.08 71.30
C GLY D 151 -38.51 21.98 71.76
N SER D 152 -38.81 20.72 71.44
CA SER D 152 -37.94 19.60 71.76
C SER D 152 -37.18 19.18 70.51
N GLU D 153 -35.87 19.02 70.65
CA GLU D 153 -35.04 18.68 69.50
C GLU D 153 -35.36 17.28 68.99
N ARG D 154 -35.40 17.13 67.67
CA ARG D 154 -35.59 15.84 67.02
C ARG D 154 -34.78 15.84 65.73
N GLN D 155 -33.98 14.79 65.52
CA GLN D 155 -33.00 14.81 64.45
C GLN D 155 -33.18 13.74 63.39
N ASN D 156 -33.49 12.51 63.77
CA ASN D 156 -33.37 11.38 62.85
C ASN D 156 -34.66 11.15 62.07
N GLY D 157 -34.50 10.49 60.92
CA GLY D 157 -35.60 10.30 60.00
C GLY D 157 -35.75 11.42 59.01
N VAL D 158 -34.65 11.90 58.44
CA VAL D 158 -34.67 13.08 57.58
C VAL D 158 -34.11 12.72 56.21
N LEU D 159 -34.55 13.45 55.19
CA LEU D 159 -34.05 13.34 53.83
C LEU D 159 -33.88 14.73 53.24
N ASN D 160 -32.78 14.93 52.51
CA ASN D 160 -32.44 16.24 51.98
C ASN D 160 -31.92 16.12 50.56
N SER D 161 -32.11 17.16 49.77
CA SER D 161 -31.61 17.18 48.40
C SER D 161 -31.31 18.62 48.01
N TRP D 162 -30.10 18.86 47.53
CA TRP D 162 -29.72 20.18 47.03
C TRP D 162 -29.86 20.21 45.53
N THR D 163 -30.40 21.30 45.02
CA THR D 163 -30.45 21.53 43.59
C THR D 163 -29.05 21.92 43.13
N ASP D 164 -28.78 21.85 41.85
CA ASP D 164 -27.54 22.35 41.29
C ASP D 164 -27.64 23.86 41.15
N GLN D 165 -26.52 24.50 40.88
CA GLN D 165 -26.49 25.96 40.84
C GLN D 165 -27.36 26.45 39.69
N ASP D 166 -28.22 27.43 39.98
CA ASP D 166 -29.07 28.00 38.94
C ASP D 166 -28.23 28.53 37.79
N SER D 167 -28.86 28.75 36.65
CA SER D 167 -28.12 29.15 35.46
C SER D 167 -28.46 30.55 34.96
N LYS D 168 -29.13 31.37 35.75
CA LYS D 168 -29.34 32.75 35.31
C LYS D 168 -29.07 33.74 36.43
N ASP D 169 -29.20 33.30 37.68
CA ASP D 169 -28.94 34.17 38.81
C ASP D 169 -27.94 33.63 39.81
N SER D 170 -27.44 32.42 39.61
CA SER D 170 -26.38 31.85 40.43
C SER D 170 -26.78 31.79 41.90
N THR D 171 -27.82 31.01 42.18
CA THR D 171 -28.26 30.70 43.53
C THR D 171 -28.48 29.19 43.66
N TYR D 172 -29.16 28.78 44.73
CA TYR D 172 -29.27 27.38 45.10
C TYR D 172 -30.68 27.11 45.59
N SER D 173 -30.85 25.99 46.29
CA SER D 173 -32.09 25.65 46.97
C SER D 173 -31.83 24.43 47.83
N MET D 174 -32.80 24.10 48.69
CA MET D 174 -32.69 22.89 49.49
C MET D 174 -34.07 22.44 49.94
N SER D 175 -34.21 21.13 50.13
CA SER D 175 -35.45 20.54 50.62
C SER D 175 -35.17 19.74 51.87
N SER D 176 -36.10 19.80 52.82
CA SER D 176 -36.04 18.99 54.02
C SER D 176 -37.41 18.38 54.27
N THR D 177 -37.42 17.09 54.61
CA THR D 177 -38.67 16.37 54.83
C THR D 177 -38.56 15.53 56.08
N LEU D 178 -39.63 15.47 56.85
CA LEU D 178 -39.73 14.66 58.05
C LEU D 178 -41.06 13.92 58.04
N THR D 179 -41.00 12.59 57.96
CA THR D 179 -42.19 11.77 57.76
C THR D 179 -42.44 10.92 59.00
N LEU D 180 -43.58 11.14 59.65
CA LEU D 180 -43.96 10.39 60.84
C LEU D 180 -45.36 9.81 60.66
N THR D 181 -45.67 8.85 61.51
CA THR D 181 -46.99 8.23 61.51
C THR D 181 -48.02 9.15 62.13
N LYS D 182 -49.26 8.66 62.19
CA LYS D 182 -50.36 9.47 62.72
C LYS D 182 -50.26 9.63 64.22
N ASP D 183 -49.72 8.62 64.91
CA ASP D 183 -49.77 8.62 66.38
C ASP D 183 -48.98 9.77 66.97
N GLU D 184 -47.71 9.91 66.57
CA GLU D 184 -46.89 10.95 67.17
C GLU D 184 -47.24 12.33 66.66
N TYR D 185 -47.73 12.44 65.43
CA TYR D 185 -48.11 13.74 64.90
C TYR D 185 -49.26 14.35 65.70
N GLU D 186 -50.23 13.53 66.11
CA GLU D 186 -51.37 14.02 66.86
C GLU D 186 -51.02 14.36 68.30
N ARG D 187 -49.88 13.91 68.80
CA ARG D 187 -49.53 14.07 70.20
C ARG D 187 -48.87 15.41 70.52
N HIS D 188 -48.47 16.18 69.52
CA HIS D 188 -47.77 17.43 69.73
C HIS D 188 -48.49 18.58 69.05
N ASN D 189 -48.03 19.79 69.32
CA ASN D 189 -48.76 20.99 68.90
C ASN D 189 -47.96 21.93 68.04
N SER D 190 -46.69 22.16 68.36
CA SER D 190 -45.88 23.15 67.67
C SER D 190 -44.71 22.48 66.96
N TYR D 191 -44.46 22.91 65.72
CA TYR D 191 -43.40 22.37 64.88
C TYR D 191 -42.59 23.53 64.33
N THR D 192 -41.30 23.31 64.09
CA THR D 192 -40.43 24.37 63.62
C THR D 192 -39.27 23.83 62.80
N CYS D 193 -39.01 24.48 61.66
CA CYS D 193 -37.85 24.25 60.82
C CYS D 193 -36.93 25.46 60.94
N GLU D 194 -35.68 25.22 61.35
CA GLU D 194 -34.74 26.30 61.66
C GLU D 194 -33.41 26.08 60.94
N ALA D 195 -32.78 27.17 60.51
CA ALA D 195 -31.52 27.09 59.80
C ALA D 195 -30.67 28.32 60.07
N THR D 196 -29.35 28.14 59.98
CA THR D 196 -28.37 29.19 60.18
C THR D 196 -27.46 29.30 58.97
N HIS D 197 -27.00 30.52 58.68
CA HIS D 197 -26.24 30.77 57.47
C HIS D 197 -25.38 32.01 57.65
N LYS D 198 -24.40 32.15 56.76
CA LYS D 198 -23.38 33.20 56.89
C LYS D 198 -23.99 34.59 56.73
N THR D 199 -25.17 34.68 56.13
CA THR D 199 -25.78 35.99 55.89
C THR D 199 -25.99 36.76 57.18
N SER D 200 -26.56 36.11 58.19
CA SER D 200 -26.85 36.74 59.47
C SER D 200 -26.50 35.79 60.60
N THR D 201 -26.02 36.35 61.71
CA THR D 201 -25.69 35.55 62.88
C THR D 201 -26.93 35.09 63.64
N SER D 202 -28.11 35.55 63.25
CA SER D 202 -29.35 35.21 63.92
C SER D 202 -30.03 34.06 63.20
N PRO D 203 -30.46 33.03 63.91
CA PRO D 203 -31.18 31.93 63.25
C PRO D 203 -32.50 32.40 62.67
N ILE D 204 -32.88 31.78 61.55
CA ILE D 204 -34.16 32.04 60.91
C ILE D 204 -35.10 30.91 61.31
N VAL D 205 -36.29 31.27 61.78
CA VAL D 205 -37.23 30.32 62.36
C VAL D 205 -38.60 30.49 61.69
N LYS D 206 -39.22 29.36 61.36
CA LYS D 206 -40.60 29.34 60.89
C LYS D 206 -41.36 28.29 61.68
N SER D 207 -42.60 28.63 62.05
CA SER D 207 -43.38 27.77 62.92
C SER D 207 -44.85 27.88 62.55
N PHE D 208 -45.65 26.97 63.10
CA PHE D 208 -47.09 26.99 62.90
C PHE D 208 -47.75 26.30 64.07
N ASN D 209 -49.07 26.49 64.18
CA ASN D 209 -49.87 25.90 65.24
C ASN D 209 -50.72 24.76 64.68
N ARG D 210 -50.63 23.60 65.33
CA ARG D 210 -51.52 22.49 64.96
C ARG D 210 -52.95 22.79 65.38
N ASN D 211 -53.13 23.46 66.51
CA ASN D 211 -54.46 23.65 67.07
C ASN D 211 -55.30 24.66 66.31
N GLU D 212 -54.69 25.74 65.82
CA GLU D 212 -55.47 26.82 65.22
C GLU D 212 -56.21 26.35 63.98
N CYS D 213 -55.55 25.57 63.12
CA CYS D 213 -56.20 25.06 61.92
C CYS D 213 -55.96 23.56 61.78
#